data_4XXR
#
_entry.id   4XXR
#
_cell.length_a   44.899
_cell.length_b   106.775
_cell.length_c   47.903
_cell.angle_alpha   90.00
_cell.angle_beta   101.87
_cell.angle_gamma   90.00
#
_symmetry.space_group_name_H-M   'P 1 21 1'
#
loop_
_entity.id
_entity.type
_entity.pdbx_description
1 polymer 'CTX-M-14 Class A Beta-Lactamase'
2 non-polymer 'POTASSIUM ION'
3 non-polymer [(1,2,3,4,5-eta)-1-(4-{[(4-carboxy-5,5-dimethyl-1,3-thiazolidin-2-yl)methyl]amino}-4-oxobutanoyl)cyclopentadienyl][(1,2,3,4,5-eta)-cyclopentadienyl]ruthenium
4 non-polymer [(1,2,3,4,5-eta)-1-(4-{[carboxy(4-carboxy-5,5-dimethyl-1,3-thiazolidin-2-yl)methyl]amino}-4-oxobutanoyl)cyclopentadienyl][(1,2,3,4,5-eta)-cyclopentadienyl]ruthenium
5 non-polymer [(1,2,3,4,5-eta)-1-(4-{[carboxy(4-carboxy-5,5-dimethyl-1,3-thiazolidin-2-yl)methyl]amino}-4-oxobutanoyl)cyclopentadienyl][(1,2,3,4,5-eta)-cyclopentadienyl]ruthenium
6 water water
#
_entity_poly.entity_id   1
_entity_poly.type   'polypeptide(L)'
_entity_poly.pdbx_seq_one_letter_code
;QTSAVQQKLAALEKSSGGRLGVALIDTADNTQVLYRGDERFPMCSTSKVMAAAAVLKQSETQKQLLNQPVEIKPADLVNY
NPIAEKHVNGTMTLAELSAAALQYSDNTAMNKLIAQLGGPGGVTAFARAIGDETFRLDRTAPTLNTAIPGDPRDTTTPRA
MAQTLRQLTLGHALGETQRAQLVTWLKGNTTGAASIRAGLPTSWTVGDKTGSGDYGTTNDIAVIWPQGRAPLVLVTYFTQ
PQQNAESRRDVLASAARIIAEGL
;
_entity_poly.pdbx_strand_id   A,B
#
loop_
_chem_comp.id
_chem_comp.type
_chem_comp.name
_chem_comp.formula
JSC non-polymer [(1,2,3,4,5-eta)-1-(4-{[carboxy(4-carboxy-5,5-dimethyl-1,3-thiazolidin-2-yl)methyl]amino}-4-oxobutanoyl)cyclopentadienyl][(1,2,3,4,5-eta)-cyclopentadienyl]ruthenium 'C22 H17 N2 O6 Ru S'
JSD non-polymer [(1,2,3,4,5-eta)-1-(4-{[(4-carboxy-5,5-dimethyl-1,3-thiazolidin-2-yl)methyl]amino}-4-oxobutanoyl)cyclopentadienyl][(1,2,3,4,5-eta)-cyclopentadienyl]ruthenium 'C21 H17 N2 O4 Ru S'
JSE non-polymer [(1,2,3,4,5-eta)-1-(4-{[carboxy(4-carboxy-5,5-dimethyl-1,3-thiazolidin-2-yl)methyl]amino}-4-oxobutanoyl)cyclopentadienyl][(1,2,3,4,5-eta)-cyclopentadienyl]ruthenium 'C22 H17 N2 O6 Ru S'
K non-polymer 'POTASSIUM ION' 'K 1'
#
# COMPACT_ATOMS: atom_id res chain seq x y z
N THR A 2 -1.55 0.56 4.96
CA THR A 2 -2.32 1.29 3.90
C THR A 2 -1.35 1.98 2.94
N SER A 3 -1.36 1.55 1.68
N SER A 3 -1.39 1.59 1.67
CA SER A 3 -0.52 2.16 0.64
CA SER A 3 -0.52 2.18 0.66
C SER A 3 -1.11 3.47 0.12
C SER A 3 -1.09 3.50 0.16
N ALA A 4 -0.32 4.20 -0.66
CA ALA A 4 -0.78 5.45 -1.27
C ALA A 4 -1.98 5.17 -2.19
N VAL A 5 -1.90 4.12 -3.00
CA VAL A 5 -3.01 3.78 -3.89
C VAL A 5 -4.25 3.43 -3.06
N GLN A 6 -4.10 2.69 -1.97
CA GLN A 6 -5.24 2.35 -1.12
C GLN A 6 -5.84 3.63 -0.50
N GLN A 7 -4.99 4.56 -0.11
CA GLN A 7 -5.44 5.82 0.46
C GLN A 7 -6.29 6.64 -0.53
N LYS A 8 -5.85 6.66 -1.78
N LYS A 8 -5.89 6.61 -1.80
CA LYS A 8 -6.60 7.29 -2.87
CA LYS A 8 -6.63 7.33 -2.84
C LYS A 8 -7.94 6.61 -3.13
C LYS A 8 -7.92 6.61 -3.24
N LEU A 9 -7.91 5.29 -3.16
CA LEU A 9 -9.14 4.52 -3.34
C LEU A 9 -10.10 4.73 -2.18
N ALA A 10 -9.58 4.84 -0.97
CA ALA A 10 -10.43 5.12 0.17
C ALA A 10 -11.08 6.50 0.10
N ALA A 11 -10.32 7.48 -0.38
CA ALA A 11 -10.85 8.83 -0.56
C ALA A 11 -11.93 8.85 -1.65
N LEU A 12 -11.69 8.12 -2.75
CA LEU A 12 -12.72 7.96 -3.78
C LEU A 12 -13.97 7.37 -3.17
N GLU A 13 -13.80 6.27 -2.44
CA GLU A 13 -14.95 5.60 -1.85
C GLU A 13 -15.75 6.54 -0.93
N LYS A 14 -15.04 7.25 -0.05
N LYS A 14 -15.05 7.34 -0.14
CA LYS A 14 -15.67 8.17 0.89
CA LYS A 14 -15.72 8.20 0.81
C LYS A 14 -16.63 9.13 0.17
C LYS A 14 -16.53 9.28 0.09
N SER A 15 -16.18 9.70 -0.95
N SER A 15 -16.11 9.61 -1.13
CA SER A 15 -16.99 10.70 -1.65
CA SER A 15 -16.81 10.62 -1.92
C SER A 15 -18.08 10.09 -2.51
C SER A 15 -17.86 9.99 -2.85
N SER A 16 -17.95 8.81 -2.88
N SER A 16 -18.08 8.68 -2.68
CA SER A 16 -18.94 8.12 -3.71
CA SER A 16 -18.81 7.92 -3.68
C SER A 16 -20.21 7.76 -2.95
C SER A 16 -20.23 7.63 -3.29
N GLY A 17 -20.06 7.51 -1.65
N GLY A 17 -20.53 7.64 -1.99
CA GLY A 17 -21.18 7.13 -0.78
CA GLY A 17 -21.81 7.13 -1.53
C GLY A 17 -21.48 5.63 -0.71
C GLY A 17 -21.95 5.61 -1.61
N GLY A 18 -20.83 4.86 -1.58
CA GLY A 18 -20.98 3.42 -1.62
C GLY A 18 -19.78 2.66 -1.10
N ARG A 19 -19.71 1.40 -1.46
CA ARG A 19 -18.68 0.47 -1.04
C ARG A 19 -17.98 -0.03 -2.30
N LEU A 20 -16.66 0.19 -2.34
CA LEU A 20 -15.80 -0.10 -3.48
C LEU A 20 -14.85 -1.25 -3.18
N GLY A 21 -14.72 -2.17 -4.13
CA GLY A 21 -13.77 -3.24 -4.04
C GLY A 21 -12.92 -3.30 -5.28
N VAL A 22 -11.59 -3.41 -5.08
CA VAL A 22 -10.64 -3.38 -6.21
C VAL A 22 -9.62 -4.48 -6.03
N ALA A 23 -9.28 -5.17 -7.11
CA ALA A 23 -8.08 -6.02 -7.12
C ALA A 23 -7.42 -5.86 -8.46
N LEU A 24 -6.10 -5.57 -8.39
CA LEU A 24 -5.21 -5.51 -9.53
C LEU A 24 -4.19 -6.64 -9.42
N ILE A 25 -3.95 -7.36 -10.51
CA ILE A 25 -2.75 -8.17 -10.66
C ILE A 25 -1.95 -7.59 -11.81
N ASP A 26 -0.69 -7.22 -11.51
CA ASP A 26 0.25 -6.77 -12.53
C ASP A 26 1.10 -7.96 -12.93
N THR A 27 0.92 -8.47 -14.14
CA THR A 27 1.66 -9.68 -14.53
C THR A 27 3.14 -9.43 -14.84
N ALA A 28 3.56 -8.16 -14.89
CA ALA A 28 4.99 -7.84 -15.05
C ALA A 28 5.80 -8.42 -13.89
N ASP A 29 5.25 -8.38 -12.69
CA ASP A 29 5.94 -8.83 -11.51
C ASP A 29 5.08 -9.77 -10.64
N ASN A 30 3.86 -10.05 -11.10
N ASN A 30 3.92 -10.19 -11.15
CA ASN A 30 2.97 -11.02 -10.49
CA ASN A 30 3.01 -11.08 -10.45
C ASN A 30 2.62 -10.59 -9.07
C ASN A 30 2.87 -10.56 -9.04
N THR A 31 2.47 -9.29 -8.91
CA THR A 31 2.02 -8.69 -7.66
C THR A 31 0.57 -8.23 -7.73
N GLN A 32 -0.02 -8.03 -6.56
CA GLN A 32 -1.40 -7.61 -6.46
C GLN A 32 -1.56 -6.36 -5.61
N VAL A 33 -2.56 -5.55 -5.96
CA VAL A 33 -2.98 -4.39 -5.21
C VAL A 33 -4.47 -4.54 -4.89
N LEU A 34 -4.87 -4.45 -3.60
N LEU A 34 -4.93 -4.41 -3.57
CA LEU A 34 -6.23 -4.79 -3.16
CA LEU A 34 -6.21 -4.84 -3.03
C LEU A 34 -6.84 -3.66 -2.35
C LEU A 34 -6.84 -3.67 -2.28
N TYR A 35 -8.12 -3.45 -2.52
CA TYR A 35 -8.90 -2.57 -1.69
C TYR A 35 -10.20 -3.30 -1.39
N ARG A 36 -10.48 -3.57 -0.13
CA ARG A 36 -11.57 -4.47 0.28
C ARG A 36 -11.48 -5.77 -0.50
N GLY A 37 -10.25 -6.27 -0.65
CA GLY A 37 -10.05 -7.38 -1.57
C GLY A 37 -10.63 -8.71 -1.12
N ASP A 38 -10.87 -8.84 0.19
CA ASP A 38 -11.47 -10.04 0.75
C ASP A 38 -12.91 -9.87 1.21
N GLU A 39 -13.53 -8.74 0.89
CA GLU A 39 -14.94 -8.56 1.14
C GLU A 39 -15.75 -9.11 -0.02
N ARG A 40 -16.95 -9.59 0.26
CA ARG A 40 -17.81 -10.12 -0.78
C ARG A 40 -18.63 -9.00 -1.43
N PHE A 41 -18.80 -9.12 -2.75
CA PHE A 41 -19.61 -8.21 -3.54
C PHE A 41 -20.49 -9.04 -4.47
N PRO A 42 -21.69 -8.54 -4.79
CA PRO A 42 -22.50 -9.18 -5.81
C PRO A 42 -21.86 -9.02 -7.19
N MET A 43 -21.67 -10.12 -7.90
CA MET A 43 -21.03 -10.10 -9.20
C MET A 43 -21.87 -9.48 -10.30
N CYS A 44 -23.18 -9.66 -10.21
CA CYS A 44 -24.08 -9.34 -11.29
C CYS A 44 -23.57 -9.98 -12.57
N SER A 45 -23.68 -9.33 -13.72
CA SER A 45 -23.34 -9.99 -14.96
C SER A 45 -21.86 -10.22 -15.21
N THR A 46 -20.98 -9.80 -14.31
CA THR A 46 -19.58 -10.19 -14.46
C THR A 46 -19.44 -11.71 -14.34
N SER A 47 -20.41 -12.38 -13.69
CA SER A 47 -20.42 -13.82 -13.60
C SER A 47 -20.54 -14.52 -14.96
N LYS A 48 -20.96 -13.83 -16.00
CA LYS A 48 -21.06 -14.44 -17.32
C LYS A 48 -19.73 -14.91 -17.84
N VAL A 49 -18.63 -14.28 -17.41
CA VAL A 49 -17.31 -14.75 -17.83
C VAL A 49 -17.10 -16.21 -17.39
N MET A 50 -17.42 -16.51 -16.13
N MET A 50 -17.49 -16.52 -16.16
CA MET A 50 -17.22 -17.88 -15.61
CA MET A 50 -17.26 -17.84 -15.61
C MET A 50 -18.08 -18.89 -16.39
C MET A 50 -18.09 -18.89 -16.36
N ALA A 51 -19.31 -18.53 -16.70
CA ALA A 51 -20.20 -19.41 -17.43
C ALA A 51 -19.69 -19.68 -18.84
N ALA A 52 -19.31 -18.63 -19.55
CA ALA A 52 -18.75 -18.81 -20.88
C ALA A 52 -17.47 -19.63 -20.84
N ALA A 53 -16.60 -19.36 -19.86
CA ALA A 53 -15.37 -20.13 -19.72
C ALA A 53 -15.62 -21.60 -19.47
N ALA A 54 -16.63 -21.90 -18.67
CA ALA A 54 -16.96 -23.29 -18.35
C ALA A 54 -17.37 -24.04 -19.63
N VAL A 55 -18.16 -23.38 -20.49
CA VAL A 55 -18.56 -23.98 -21.76
C VAL A 55 -17.35 -24.14 -22.70
N LEU A 56 -16.46 -23.14 -22.70
CA LEU A 56 -15.22 -23.30 -23.44
C LEU A 56 -14.43 -24.52 -22.94
N LYS A 57 -14.36 -24.74 -21.63
CA LYS A 57 -13.67 -25.91 -21.13
C LYS A 57 -14.32 -27.21 -21.62
N GLN A 58 -15.65 -27.27 -21.58
CA GLN A 58 -16.35 -28.43 -22.13
C GLN A 58 -16.00 -28.65 -23.59
N SER A 59 -15.81 -27.56 -24.33
CA SER A 59 -15.51 -27.66 -25.75
C SER A 59 -14.13 -28.23 -26.05
N GLU A 60 -13.26 -28.30 -25.06
CA GLU A 60 -11.95 -28.93 -25.25
C GLU A 60 -12.05 -30.43 -25.54
N THR A 61 -13.12 -31.06 -25.09
CA THR A 61 -13.32 -32.48 -25.37
C THR A 61 -14.49 -32.76 -26.31
N GLN A 62 -15.14 -31.73 -26.82
CA GLN A 62 -16.21 -31.83 -27.82
C GLN A 62 -16.02 -30.76 -28.89
N LYS A 63 -15.35 -31.17 -29.96
N LYS A 63 -15.34 -31.13 -29.96
CA LYS A 63 -15.04 -30.29 -31.09
CA LYS A 63 -14.84 -30.16 -30.94
C LYS A 63 -16.25 -29.55 -31.62
C LYS A 63 -15.99 -29.43 -31.65
N GLN A 64 -17.40 -30.20 -31.63
N GLN A 64 -17.20 -29.98 -31.56
CA GLN A 64 -18.59 -29.61 -32.25
CA GLN A 64 -18.34 -29.38 -32.26
C GLN A 64 -19.46 -28.86 -31.26
C GLN A 64 -19.35 -28.74 -31.29
N LEU A 65 -19.03 -28.73 -30.00
CA LEU A 65 -19.92 -28.21 -28.99
C LEU A 65 -20.35 -26.77 -29.29
N LEU A 66 -19.41 -25.92 -29.69
CA LEU A 66 -19.77 -24.52 -29.89
C LEU A 66 -20.71 -24.31 -31.08
N ASN A 67 -20.83 -25.33 -31.94
CA ASN A 67 -21.78 -25.31 -33.04
C ASN A 67 -23.11 -25.94 -32.70
N GLN A 68 -23.25 -26.45 -31.48
CA GLN A 68 -24.47 -27.14 -31.08
C GLN A 68 -25.63 -26.13 -30.95
N PRO A 69 -26.76 -26.39 -31.61
CA PRO A 69 -27.89 -25.47 -31.52
C PRO A 69 -28.66 -25.66 -30.23
N VAL A 70 -29.18 -24.56 -29.71
CA VAL A 70 -30.01 -24.52 -28.53
C VAL A 70 -31.31 -23.80 -28.92
N GLU A 71 -32.45 -24.42 -28.63
N GLU A 71 -32.44 -24.36 -28.50
CA GLU A 71 -33.75 -23.80 -28.86
CA GLU A 71 -33.76 -23.85 -28.81
C GLU A 71 -33.99 -22.59 -27.97
C GLU A 71 -34.10 -22.63 -27.96
N ILE A 72 -34.50 -21.55 -28.61
CA ILE A 72 -34.94 -20.35 -27.91
C ILE A 72 -36.45 -20.26 -28.05
N LYS A 73 -37.16 -20.35 -26.93
N LYS A 73 -37.15 -20.42 -26.93
CA LYS A 73 -38.61 -20.28 -26.93
CA LYS A 73 -38.62 -20.33 -26.89
C LYS A 73 -39.10 -18.97 -26.32
C LYS A 73 -39.06 -18.94 -26.41
N PRO A 74 -40.34 -18.59 -26.64
CA PRO A 74 -40.84 -17.31 -26.13
C PRO A 74 -40.73 -17.19 -24.61
N ALA A 75 -40.94 -18.30 -23.90
CA ALA A 75 -40.84 -18.30 -22.45
C ALA A 75 -39.41 -18.11 -21.93
N ASP A 76 -38.43 -18.24 -22.82
CA ASP A 76 -37.04 -18.10 -22.41
C ASP A 76 -36.60 -16.65 -22.26
N LEU A 77 -37.33 -15.74 -22.88
CA LEU A 77 -36.97 -14.34 -22.82
C LEU A 77 -37.20 -13.82 -21.41
N VAL A 78 -36.26 -13.00 -20.94
CA VAL A 78 -36.31 -12.43 -19.62
C VAL A 78 -36.30 -10.89 -19.76
N ASN A 79 -35.52 -10.17 -18.99
CA ASN A 79 -35.63 -8.73 -18.90
C ASN A 79 -34.75 -7.98 -19.90
N TYR A 80 -33.73 -8.64 -20.43
CA TYR A 80 -32.77 -7.99 -21.31
C TYR A 80 -32.15 -9.04 -22.20
N ASN A 81 -32.61 -9.05 -23.45
N ASN A 81 -32.45 -9.02 -23.47
CA ASN A 81 -32.39 -10.14 -24.42
CA ASN A 81 -32.03 -10.14 -24.25
C ASN A 81 -32.21 -9.60 -25.83
C ASN A 81 -32.04 -9.75 -25.71
N PRO A 82 -31.25 -8.71 -26.04
CA PRO A 82 -31.30 -8.07 -27.35
C PRO A 82 -30.93 -9.00 -28.50
N ILE A 83 -30.16 -10.03 -28.23
CA ILE A 83 -29.81 -10.98 -29.27
C ILE A 83 -30.80 -12.14 -29.33
N ALA A 84 -31.10 -12.74 -28.19
CA ALA A 84 -31.95 -13.93 -28.18
C ALA A 84 -33.34 -13.65 -28.72
N GLU A 85 -33.88 -12.45 -28.50
CA GLU A 85 -35.23 -12.18 -28.96
C GLU A 85 -35.37 -12.29 -30.48
N LYS A 86 -34.30 -12.11 -31.23
CA LYS A 86 -34.34 -12.30 -32.67
C LYS A 86 -34.42 -13.74 -33.11
N HIS A 87 -34.21 -14.66 -32.16
CA HIS A 87 -34.12 -16.10 -32.45
C HIS A 87 -35.18 -16.92 -31.74
N VAL A 88 -36.19 -16.24 -31.20
N VAL A 88 -36.22 -16.24 -31.29
CA VAL A 88 -37.30 -16.95 -30.59
CA VAL A 88 -37.33 -16.92 -30.64
C VAL A 88 -38.00 -17.83 -31.63
C VAL A 88 -38.07 -17.81 -31.64
N ASN A 89 -38.42 -19.02 -31.20
CA ASN A 89 -38.91 -20.07 -32.10
C ASN A 89 -37.87 -20.53 -33.11
N GLY A 90 -36.62 -20.27 -32.78
CA GLY A 90 -35.47 -20.68 -33.59
C GLY A 90 -34.38 -21.18 -32.64
N THR A 91 -33.14 -21.09 -33.09
CA THR A 91 -32.02 -21.61 -32.32
C THR A 91 -30.87 -20.62 -32.32
N MET A 92 -29.99 -20.80 -31.35
CA MET A 92 -28.67 -20.17 -31.37
C MET A 92 -27.65 -21.24 -30.99
N THR A 93 -26.45 -21.16 -31.56
CA THR A 93 -25.40 -22.09 -31.16
C THR A 93 -24.78 -21.66 -29.83
N LEU A 94 -24.08 -22.58 -29.18
CA LEU A 94 -23.39 -22.23 -27.95
C LEU A 94 -22.33 -21.14 -28.16
N ALA A 95 -21.68 -21.08 -29.32
CA ALA A 95 -20.82 -19.95 -29.61
C ALA A 95 -21.60 -18.62 -29.67
N GLU A 96 -22.73 -18.62 -30.37
CA GLU A 96 -23.58 -17.45 -30.46
C GLU A 96 -24.07 -17.02 -29.07
N LEU A 97 -24.45 -17.96 -28.24
CA LEU A 97 -24.92 -17.65 -26.90
C LEU A 97 -23.80 -17.08 -26.04
N SER A 98 -22.60 -17.63 -26.18
CA SER A 98 -21.44 -17.14 -25.44
C SER A 98 -21.09 -15.71 -25.84
N ALA A 99 -21.10 -15.44 -27.14
CA ALA A 99 -20.81 -14.11 -27.66
C ALA A 99 -21.87 -13.11 -27.21
N ALA A 100 -23.16 -13.52 -27.26
CA ALA A 100 -24.24 -12.64 -26.86
C ALA A 100 -24.19 -12.33 -25.38
N ALA A 101 -23.93 -13.34 -24.58
CA ALA A 101 -23.82 -13.15 -23.13
C ALA A 101 -22.68 -12.18 -22.79
N LEU A 102 -21.50 -12.40 -23.39
CA LEU A 102 -20.35 -11.60 -23.02
C LEU A 102 -20.37 -10.21 -23.64
N GLN A 103 -20.67 -10.10 -24.92
CA GLN A 103 -20.47 -8.86 -25.65
C GLN A 103 -21.65 -7.92 -25.58
N TYR A 104 -22.85 -8.49 -25.36
CA TYR A 104 -24.08 -7.71 -25.28
C TYR A 104 -24.76 -7.84 -23.91
N SER A 105 -24.25 -8.71 -23.04
CA SER A 105 -24.85 -9.01 -21.75
C SER A 105 -26.31 -9.48 -21.86
N ASP A 106 -26.54 -10.33 -22.85
CA ASP A 106 -27.86 -10.93 -23.04
C ASP A 106 -28.14 -11.96 -21.95
N ASN A 107 -29.21 -11.74 -21.18
CA ASN A 107 -29.53 -12.59 -20.03
C ASN A 107 -30.11 -13.94 -20.45
N THR A 108 -30.88 -13.97 -21.53
CA THR A 108 -31.36 -15.27 -22.02
C THR A 108 -30.18 -16.14 -22.43
N ALA A 109 -29.19 -15.52 -23.06
CA ALA A 109 -28.00 -16.25 -23.46
C ALA A 109 -27.27 -16.81 -22.24
N MET A 110 -27.08 -15.98 -21.23
CA MET A 110 -26.49 -16.47 -19.98
C MET A 110 -27.26 -17.67 -19.43
N ASN A 111 -28.61 -17.60 -19.43
CA ASN A 111 -29.37 -18.70 -18.87
C ASN A 111 -29.17 -20.00 -19.65
N LYS A 112 -28.97 -19.88 -20.96
CA LYS A 112 -28.66 -21.08 -21.75
C LYS A 112 -27.29 -21.64 -21.42
N LEU A 113 -26.31 -20.79 -21.15
CA LEU A 113 -25.01 -21.28 -20.73
C LEU A 113 -25.16 -22.01 -19.41
N ILE A 114 -25.85 -21.41 -18.46
CA ILE A 114 -26.07 -22.01 -17.15
C ILE A 114 -26.72 -23.40 -17.33
N ALA A 115 -27.75 -23.47 -18.16
CA ALA A 115 -28.45 -24.72 -18.37
C ALA A 115 -27.54 -25.80 -19.00
N GLN A 116 -26.66 -25.38 -19.89
CA GLN A 116 -25.67 -26.30 -20.48
C GLN A 116 -24.73 -26.89 -19.45
N LEU A 117 -24.51 -26.16 -18.35
CA LEU A 117 -23.63 -26.57 -17.28
C LEU A 117 -24.37 -27.31 -16.17
N GLY A 118 -25.70 -27.42 -16.29
CA GLY A 118 -26.52 -28.16 -15.32
C GLY A 118 -27.06 -27.31 -14.20
N GLY A 119 -27.06 -26.00 -14.37
CA GLY A 119 -27.60 -25.10 -13.36
C GLY A 119 -26.50 -24.23 -12.76
N PRO A 120 -26.88 -23.29 -11.90
CA PRO A 120 -25.89 -22.37 -11.32
C PRO A 120 -24.75 -23.08 -10.62
N GLY A 121 -25.06 -24.18 -9.93
CA GLY A 121 -24.00 -24.97 -9.27
C GLY A 121 -22.98 -25.58 -10.20
N GLY A 122 -23.32 -25.77 -11.47
CA GLY A 122 -22.35 -26.19 -12.47
C GLY A 122 -21.30 -25.13 -12.78
N VAL A 123 -21.70 -23.88 -12.71
CA VAL A 123 -20.77 -22.79 -12.87
C VAL A 123 -19.85 -22.73 -11.66
N THR A 124 -20.40 -22.89 -10.47
CA THR A 124 -19.61 -22.93 -9.26
C THR A 124 -18.63 -24.10 -9.29
N ALA A 125 -19.07 -25.26 -9.77
CA ALA A 125 -18.21 -26.43 -9.85
C ALA A 125 -17.02 -26.16 -10.77
N PHE A 126 -17.24 -25.49 -11.89
CA PHE A 126 -16.12 -25.13 -12.76
C PHE A 126 -15.15 -24.19 -12.05
N ALA A 127 -15.67 -23.19 -11.36
CA ALA A 127 -14.82 -22.30 -10.57
C ALA A 127 -13.93 -23.08 -9.61
N ARG A 128 -14.51 -24.01 -8.86
CA ARG A 128 -13.72 -24.83 -7.95
C ARG A 128 -12.67 -25.62 -8.68
N ALA A 129 -13.04 -26.18 -9.82
CA ALA A 129 -12.11 -27.00 -10.61
C ALA A 129 -10.88 -26.23 -11.06
N ILE A 130 -11.00 -24.93 -11.26
CA ILE A 130 -9.88 -24.10 -11.68
C ILE A 130 -9.24 -23.34 -10.52
N GLY A 131 -9.58 -23.74 -9.30
CA GLY A 131 -8.89 -23.27 -8.11
C GLY A 131 -9.50 -22.07 -7.42
N ASP A 132 -10.73 -21.71 -7.78
CA ASP A 132 -11.41 -20.58 -7.16
C ASP A 132 -12.39 -21.11 -6.14
N GLU A 133 -12.04 -20.95 -4.87
CA GLU A 133 -12.84 -21.46 -3.76
C GLU A 133 -13.84 -20.45 -3.24
N THR A 134 -13.90 -19.28 -3.86
CA THR A 134 -14.65 -18.14 -3.35
C THR A 134 -15.94 -17.86 -4.13
N PHE A 135 -15.83 -17.88 -5.45
CA PHE A 135 -16.93 -17.67 -6.38
C PHE A 135 -18.11 -18.56 -6.01
N ARG A 136 -19.30 -18.00 -6.07
CA ARG A 136 -20.52 -18.84 -6.06
C ARG A 136 -21.58 -18.23 -6.97
N LEU A 137 -22.19 -19.08 -7.79
CA LEU A 137 -23.37 -18.74 -8.53
C LEU A 137 -24.51 -19.59 -8.00
N ASP A 138 -25.57 -18.91 -7.60
CA ASP A 138 -26.71 -19.54 -6.94
C ASP A 138 -28.01 -19.45 -7.71
N ARG A 139 -28.12 -18.50 -8.62
CA ARG A 139 -29.35 -18.19 -9.31
C ARG A 139 -29.09 -17.95 -10.78
N THR A 140 -30.17 -18.04 -11.57
CA THR A 140 -30.16 -17.65 -12.97
C THR A 140 -30.33 -16.13 -13.10
N ALA A 141 -30.29 -15.65 -14.34
CA ALA A 141 -30.61 -14.26 -14.62
C ALA A 141 -32.13 -14.11 -14.81
N PRO A 142 -32.72 -13.01 -14.33
CA PRO A 142 -32.05 -11.84 -13.81
C PRO A 142 -31.88 -11.81 -12.30
N THR A 143 -32.39 -12.80 -11.57
CA THR A 143 -32.37 -12.70 -10.12
C THR A 143 -30.98 -12.75 -9.50
N LEU A 144 -29.99 -13.22 -10.23
CA LEU A 144 -28.62 -13.17 -9.75
C LEU A 144 -28.15 -11.73 -9.56
N ASN A 145 -28.89 -10.74 -10.05
CA ASN A 145 -28.51 -9.33 -9.94
C ASN A 145 -29.26 -8.56 -8.82
N THR A 146 -29.95 -9.25 -7.90
CA THR A 146 -30.65 -8.53 -6.86
C THR A 146 -29.71 -7.72 -5.96
N ALA A 147 -28.50 -8.24 -5.75
CA ALA A 147 -27.39 -7.47 -5.13
C ALA A 147 -27.75 -6.90 -3.75
N ILE A 148 -28.47 -7.70 -2.95
CA ILE A 148 -28.93 -7.27 -1.64
C ILE A 148 -27.75 -7.22 -0.68
N PRO A 149 -27.58 -6.12 0.05
CA PRO A 149 -26.44 -6.07 0.96
C PRO A 149 -26.49 -7.19 1.99
N GLY A 150 -25.35 -7.86 2.16
CA GLY A 150 -25.24 -8.94 3.12
C GLY A 150 -25.61 -10.32 2.59
N ASP A 151 -26.19 -10.38 1.41
CA ASP A 151 -26.63 -11.65 0.83
C ASP A 151 -25.41 -12.33 0.20
N PRO A 152 -25.09 -13.57 0.59
CA PRO A 152 -23.94 -14.25 0.01
C PRO A 152 -24.17 -14.78 -1.41
N ARG A 153 -25.42 -14.87 -1.85
CA ARG A 153 -25.70 -15.49 -3.13
C ARG A 153 -25.04 -14.69 -4.26
N ASP A 154 -24.48 -15.39 -5.23
CA ASP A 154 -23.99 -14.75 -6.46
C ASP A 154 -22.95 -13.68 -6.15
N THR A 155 -22.03 -14.02 -5.26
CA THR A 155 -20.95 -13.15 -4.85
C THR A 155 -19.58 -13.78 -5.08
N THR A 156 -18.58 -12.90 -5.08
CA THR A 156 -17.18 -13.29 -4.94
C THR A 156 -16.44 -12.16 -4.27
N THR A 157 -15.12 -12.32 -4.11
CA THR A 157 -14.27 -11.24 -3.63
C THR A 157 -13.44 -10.69 -4.78
N PRO A 158 -12.99 -9.44 -4.66
CA PRO A 158 -12.12 -8.91 -5.74
C PRO A 158 -10.84 -9.75 -5.91
N ARG A 159 -10.22 -10.15 -4.80
CA ARG A 159 -8.99 -10.96 -4.87
C ARG A 159 -9.24 -12.22 -5.67
N ALA A 160 -10.31 -12.95 -5.35
CA ALA A 160 -10.55 -14.20 -6.05
C ALA A 160 -10.83 -13.99 -7.53
N MET A 161 -11.65 -13.00 -7.84
N MET A 161 -11.65 -13.00 -7.86
CA MET A 161 -12.04 -12.80 -9.21
CA MET A 161 -12.03 -12.84 -9.25
C MET A 161 -10.85 -12.39 -10.08
C MET A 161 -10.86 -12.35 -10.11
N ALA A 162 -9.98 -11.53 -9.56
CA ALA A 162 -8.78 -11.14 -10.33
C ALA A 162 -7.90 -12.34 -10.62
N GLN A 163 -7.71 -13.18 -9.63
N GLN A 163 -7.69 -13.19 -9.63
CA GLN A 163 -6.89 -14.36 -9.80
CA GLN A 163 -6.87 -14.39 -9.84
C GLN A 163 -7.49 -15.31 -10.85
C GLN A 163 -7.50 -15.28 -10.89
N THR A 164 -8.80 -15.53 -10.78
CA THR A 164 -9.46 -16.37 -11.76
C THR A 164 -9.41 -15.78 -13.16
N LEU A 165 -9.71 -14.49 -13.27
CA LEU A 165 -9.70 -13.88 -14.58
C LEU A 165 -8.30 -13.97 -15.21
N ARG A 166 -7.25 -13.82 -14.40
N ARG A 166 -7.25 -13.83 -14.39
CA ARG A 166 -5.89 -14.00 -14.91
CA ARG A 166 -5.89 -13.99 -14.86
C ARG A 166 -5.67 -15.42 -15.42
C ARG A 166 -5.66 -15.41 -15.39
N GLN A 167 -6.07 -16.41 -14.63
CA GLN A 167 -5.89 -17.80 -15.05
C GLN A 167 -6.61 -18.11 -16.37
N LEU A 168 -7.81 -17.53 -16.52
CA LEU A 168 -8.64 -17.79 -17.70
C LEU A 168 -8.08 -17.13 -18.95
N THR A 169 -7.62 -15.89 -18.82
CA THR A 169 -7.29 -15.08 -19.99
C THR A 169 -5.79 -15.05 -20.35
N LEU A 170 -4.93 -15.22 -19.35
CA LEU A 170 -3.50 -15.12 -19.52
C LEU A 170 -2.77 -16.41 -19.12
N GLY A 171 -3.36 -17.19 -18.24
CA GLY A 171 -2.79 -18.42 -17.78
C GLY A 171 -3.35 -19.63 -18.52
N HIS A 172 -3.31 -20.78 -17.88
CA HIS A 172 -3.59 -22.04 -18.55
C HIS A 172 -4.83 -22.75 -18.00
N ALA A 173 -5.81 -21.99 -17.49
CA ALA A 173 -7.07 -22.63 -17.13
C ALA A 173 -7.78 -23.25 -18.33
N LEU A 174 -7.68 -22.61 -19.47
CA LEU A 174 -8.25 -23.08 -20.71
C LEU A 174 -7.13 -23.50 -21.66
N GLY A 175 -7.49 -24.31 -22.64
CA GLY A 175 -6.59 -24.59 -23.74
C GLY A 175 -6.33 -23.35 -24.56
N GLU A 176 -5.23 -23.35 -25.30
N GLU A 176 -5.31 -23.40 -25.39
CA GLU A 176 -4.82 -22.17 -26.07
CA GLU A 176 -4.78 -22.20 -26.03
C GLU A 176 -5.96 -21.63 -26.95
C GLU A 176 -5.83 -21.56 -26.94
N THR A 177 -6.55 -22.50 -27.77
N THR A 177 -6.55 -22.35 -27.71
CA THR A 177 -7.57 -22.04 -28.69
CA THR A 177 -7.50 -21.76 -28.65
C THR A 177 -8.69 -21.34 -27.91
C THR A 177 -8.77 -21.32 -27.92
N GLN A 178 -9.09 -21.97 -26.81
CA GLN A 178 -10.20 -21.51 -26.01
C GLN A 178 -9.86 -20.19 -25.29
N ARG A 179 -8.65 -20.06 -24.76
N ARG A 179 -8.65 -20.07 -24.74
CA ARG A 179 -8.23 -18.83 -24.14
CA ARG A 179 -8.19 -18.84 -24.14
C ARG A 179 -8.26 -17.70 -25.15
C ARG A 179 -8.28 -17.71 -25.17
N ALA A 180 -7.78 -17.95 -26.37
CA ALA A 180 -7.80 -16.94 -27.40
C ALA A 180 -9.22 -16.53 -27.73
N GLN A 181 -10.14 -17.51 -27.78
CA GLN A 181 -11.55 -17.20 -28.05
C GLN A 181 -12.14 -16.33 -26.94
N LEU A 182 -11.83 -16.65 -25.69
CA LEU A 182 -12.34 -15.86 -24.59
C LEU A 182 -11.83 -14.42 -24.66
N VAL A 183 -10.54 -14.26 -24.95
CA VAL A 183 -9.94 -12.94 -25.07
C VAL A 183 -10.58 -12.16 -26.24
N THR A 184 -10.78 -12.81 -27.37
CA THR A 184 -11.45 -12.17 -28.50
C THR A 184 -12.82 -11.68 -28.09
N TRP A 185 -13.58 -12.51 -27.39
CA TRP A 185 -14.92 -12.12 -26.97
C TRP A 185 -14.85 -10.90 -26.05
N LEU A 186 -14.01 -10.94 -25.03
CA LEU A 186 -13.90 -9.84 -24.09
C LEU A 186 -13.47 -8.54 -24.79
N LYS A 187 -12.52 -8.63 -25.72
CA LYS A 187 -12.06 -7.44 -26.42
C LYS A 187 -13.17 -6.82 -27.28
N GLY A 188 -14.14 -7.64 -27.68
CA GLY A 188 -15.26 -7.17 -28.47
C GLY A 188 -16.46 -6.74 -27.66
N ASN A 189 -16.31 -6.61 -26.34
CA ASN A 189 -17.42 -6.15 -25.54
C ASN A 189 -17.94 -4.81 -26.03
N THR A 190 -19.27 -4.64 -26.00
CA THR A 190 -19.89 -3.39 -26.40
C THR A 190 -20.22 -2.45 -25.26
N THR A 191 -20.20 -2.93 -24.02
CA THR A 191 -20.85 -2.24 -22.90
C THR A 191 -19.87 -1.52 -21.97
N GLY A 192 -18.57 -1.52 -22.27
CA GLY A 192 -17.56 -1.19 -21.28
C GLY A 192 -16.90 0.19 -21.34
N ALA A 193 -17.21 1.03 -22.33
CA ALA A 193 -16.40 2.22 -22.51
C ALA A 193 -16.54 3.28 -21.41
N ALA A 194 -17.56 3.21 -20.57
CA ALA A 194 -17.75 4.17 -19.46
C ALA A 194 -17.16 3.68 -18.15
N SER A 195 -16.65 2.46 -18.11
CA SER A 195 -16.27 1.81 -16.85
C SER A 195 -14.75 1.81 -16.73
N ILE A 196 -14.08 0.68 -16.50
CA ILE A 196 -12.64 0.68 -16.37
C ILE A 196 -11.97 1.43 -17.53
N ARG A 197 -12.40 1.14 -18.76
N ARG A 197 -12.41 1.19 -18.75
N ARG A 197 -12.36 1.17 -18.77
CA ARG A 197 -11.89 1.75 -19.99
CA ARG A 197 -11.80 1.76 -19.94
CA ARG A 197 -11.71 1.79 -19.90
C ARG A 197 -11.75 3.27 -19.86
C ARG A 197 -11.75 3.30 -19.88
C ARG A 197 -11.69 3.32 -19.80
N ALA A 198 -12.75 3.92 -19.28
CA ALA A 198 -12.82 5.37 -19.19
C ALA A 198 -11.75 5.98 -18.30
N GLY A 199 -11.13 5.17 -17.43
CA GLY A 199 -10.10 5.68 -16.55
C GLY A 199 -8.68 5.43 -17.03
N LEU A 200 -8.54 4.78 -18.18
CA LEU A 200 -7.23 4.36 -18.69
C LEU A 200 -6.85 5.20 -19.90
N PRO A 201 -5.53 5.32 -20.15
CA PRO A 201 -5.10 6.04 -21.33
C PRO A 201 -5.67 5.35 -22.58
N THR A 202 -5.99 6.15 -23.57
CA THR A 202 -6.59 5.67 -24.79
C THR A 202 -5.75 4.58 -25.45
N SER A 203 -4.44 4.70 -25.39
CA SER A 203 -3.56 3.76 -26.08
C SER A 203 -3.62 2.33 -25.51
N TRP A 204 -4.09 2.18 -24.28
CA TRP A 204 -4.13 0.86 -23.64
C TRP A 204 -5.31 0.07 -24.18
N THR A 205 -5.14 -1.20 -24.49
N THR A 205 -5.16 -1.24 -24.30
CA THR A 205 -6.28 -2.00 -24.94
CA THR A 205 -6.18 -2.11 -24.87
C THR A 205 -6.90 -2.79 -23.79
C THR A 205 -6.90 -2.81 -23.73
N VAL A 206 -8.22 -2.95 -23.86
CA VAL A 206 -9.02 -3.52 -22.79
C VAL A 206 -9.96 -4.58 -23.35
N GLY A 207 -10.08 -5.71 -22.67
CA GLY A 207 -11.23 -6.61 -22.81
C GLY A 207 -11.90 -6.70 -21.47
N ASP A 208 -13.22 -6.59 -21.40
CA ASP A 208 -13.89 -6.51 -20.12
C ASP A 208 -15.28 -7.09 -20.16
N LYS A 209 -15.83 -7.32 -18.99
CA LYS A 209 -17.26 -7.63 -18.81
C LYS A 209 -17.77 -6.78 -17.67
N THR A 210 -18.85 -6.03 -17.95
CA THR A 210 -19.52 -5.22 -16.97
C THR A 210 -20.58 -6.03 -16.22
N GLY A 211 -21.10 -5.45 -15.16
CA GLY A 211 -22.33 -5.93 -14.54
C GLY A 211 -23.00 -4.80 -13.80
N SER A 212 -24.30 -4.97 -13.57
N SER A 212 -24.34 -4.86 -13.82
CA SER A 212 -25.01 -4.03 -12.75
CA SER A 212 -25.22 -3.96 -13.05
C SER A 212 -26.31 -4.63 -12.32
C SER A 212 -26.26 -4.75 -12.24
N GLY A 213 -26.83 -4.09 -11.23
CA GLY A 213 -27.96 -4.68 -10.52
C GLY A 213 -28.57 -3.63 -9.62
N ASP A 214 -29.50 -4.20 -8.74
CA ASP A 214 -30.07 -3.31 -7.75
C ASP A 214 -29.01 -2.80 -6.79
N TYR A 215 -29.38 -1.89 -5.92
CA TYR A 215 -28.45 -1.22 -5.00
C TYR A 215 -27.39 -0.45 -5.75
N GLY A 216 -27.75 0.04 -6.92
CA GLY A 216 -26.80 0.81 -7.71
C GLY A 216 -25.51 0.07 -7.98
N THR A 217 -25.59 -1.24 -8.10
CA THR A 217 -24.40 -2.04 -8.20
C THR A 217 -23.85 -1.90 -9.61
N THR A 218 -22.55 -1.55 -9.68
CA THR A 218 -21.89 -1.19 -10.91
C THR A 218 -20.52 -1.84 -10.87
N ASN A 219 -20.29 -2.81 -11.75
CA ASN A 219 -19.07 -3.65 -11.72
C ASN A 219 -18.40 -3.69 -13.09
N ASP A 220 -17.12 -4.05 -13.08
CA ASP A 220 -16.40 -4.31 -14.32
C ASP A 220 -15.20 -5.18 -13.96
N ILE A 221 -14.91 -6.17 -14.81
CA ILE A 221 -13.70 -6.97 -14.68
C ILE A 221 -13.03 -6.98 -16.03
N ALA A 222 -11.71 -6.74 -16.02
CA ALA A 222 -10.98 -6.45 -17.25
C ALA A 222 -9.62 -7.12 -17.28
N VAL A 223 -9.20 -7.43 -18.49
N VAL A 223 -9.22 -7.50 -18.47
CA VAL A 223 -7.81 -7.74 -18.83
CA VAL A 223 -7.82 -7.64 -18.80
C VAL A 223 -7.31 -6.60 -19.73
C VAL A 223 -7.37 -6.48 -19.63
N ILE A 224 -6.16 -6.03 -19.33
CA ILE A 224 -5.67 -4.78 -19.87
C ILE A 224 -4.25 -4.98 -20.40
N TRP A 225 -4.01 -4.49 -21.61
CA TRP A 225 -2.70 -4.49 -22.23
C TRP A 225 -2.21 -3.07 -22.34
N PRO A 226 -1.49 -2.59 -21.31
CA PRO A 226 -1.05 -1.19 -21.33
C PRO A 226 -0.04 -0.99 -22.43
N GLN A 227 0.03 0.41 -22.82
N GLN A 227 0.01 0.25 -22.86
CA GLN A 227 1.09 0.67 -23.79
CA GLN A 227 1.09 0.71 -23.70
C GLN A 227 2.48 0.47 -23.17
C GLN A 227 2.46 0.41 -23.08
N GLY A 228 3.20 -0.49 -23.71
CA GLY A 228 4.58 -0.77 -23.31
C GLY A 228 4.79 -1.54 -22.01
N ARG A 229 3.71 -2.09 -21.44
N ARG A 229 3.74 -2.18 -21.51
CA ARG A 229 3.76 -2.85 -20.17
CA ARG A 229 3.81 -2.89 -20.23
C ARG A 229 3.15 -4.24 -20.35
C ARG A 229 3.13 -4.25 -20.35
N ALA A 230 3.58 -5.20 -19.54
CA ALA A 230 2.88 -6.51 -19.44
C ALA A 230 1.44 -6.34 -19.03
N PRO A 231 0.60 -7.33 -19.36
CA PRO A 231 -0.81 -7.19 -19.09
C PRO A 231 -1.13 -7.06 -17.60
N LEU A 232 -2.27 -6.43 -17.37
CA LEU A 232 -2.88 -6.33 -16.04
C LEU A 232 -4.23 -7.04 -16.03
N VAL A 233 -4.65 -7.48 -14.86
CA VAL A 233 -6.03 -7.84 -14.63
C VAL A 233 -6.56 -6.93 -13.54
N LEU A 234 -7.75 -6.37 -13.76
CA LEU A 234 -8.33 -5.41 -12.83
C LEU A 234 -9.81 -5.73 -12.62
N VAL A 235 -10.20 -5.83 -11.37
N VAL A 235 -10.19 -5.84 -11.37
CA VAL A 235 -11.60 -5.96 -11.05
CA VAL A 235 -11.59 -6.00 -10.93
C VAL A 235 -12.03 -4.82 -10.14
C VAL A 235 -11.97 -4.73 -10.18
N THR A 236 -13.14 -4.18 -10.51
CA THR A 236 -13.68 -3.05 -9.77
C THR A 236 -15.17 -3.34 -9.52
N TYR A 237 -15.55 -3.53 -8.26
N TYR A 237 -15.51 -3.40 -8.23
CA TYR A 237 -16.96 -3.70 -7.88
CA TYR A 237 -16.88 -3.64 -7.80
C TYR A 237 -17.38 -2.49 -7.09
C TYR A 237 -17.39 -2.46 -6.99
N PHE A 238 -18.66 -2.11 -7.20
CA PHE A 238 -19.19 -0.98 -6.45
C PHE A 238 -20.67 -1.22 -6.16
N THR A 239 -21.07 -0.97 -4.93
CA THR A 239 -22.47 -1.15 -4.56
C THR A 239 -22.87 -0.11 -3.51
N GLN A 240 -24.16 0.20 -3.45
CA GLN A 240 -24.62 1.35 -2.70
C GLN A 240 -25.73 0.94 -1.71
N PRO A 241 -26.05 1.83 -0.74
CA PRO A 241 -26.96 1.37 0.33
C PRO A 241 -28.44 1.28 0.00
N GLN A 242 -28.92 1.98 -1.01
N GLN A 242 -28.90 2.04 -1.01
CA GLN A 242 -30.35 1.95 -1.27
CA GLN A 242 -30.32 2.16 -1.39
C GLN A 242 -30.69 1.29 -2.58
C GLN A 242 -30.63 1.24 -2.58
N GLN A 243 -31.76 0.53 -2.53
CA GLN A 243 -32.12 -0.41 -3.59
C GLN A 243 -32.19 0.26 -4.96
N ASN A 244 -32.65 1.52 -4.95
N ASN A 244 -32.77 1.46 -5.05
CA ASN A 244 -32.96 2.26 -6.17
CA ASN A 244 -32.90 2.14 -6.34
C ASN A 244 -31.83 3.16 -6.65
C ASN A 244 -31.85 3.21 -6.59
N ALA A 245 -30.65 3.01 -6.06
CA ALA A 245 -29.54 3.89 -6.38
C ALA A 245 -29.21 3.84 -7.87
N GLU A 246 -28.67 4.93 -8.37
CA GLU A 246 -28.23 5.02 -9.76
C GLU A 246 -26.87 4.35 -10.00
N SER A 247 -26.65 3.91 -11.23
N SER A 247 -26.67 3.85 -11.21
CA SER A 247 -25.36 3.36 -11.63
CA SER A 247 -25.35 3.36 -11.61
C SER A 247 -24.27 4.43 -11.53
C SER A 247 -24.31 4.45 -11.36
N ARG A 248 -23.08 4.01 -11.15
CA ARG A 248 -21.93 4.94 -11.00
C ARG A 248 -20.71 4.38 -11.73
N ARG A 249 -20.81 4.26 -13.04
N ARG A 249 -20.81 4.30 -13.05
CA ARG A 249 -19.68 3.79 -13.83
CA ARG A 249 -19.70 3.83 -13.86
C ARG A 249 -18.46 4.73 -13.72
C ARG A 249 -18.47 4.73 -13.72
N ASP A 250 -18.71 6.01 -13.47
CA ASP A 250 -17.65 6.95 -13.25
C ASP A 250 -16.78 6.58 -12.06
N VAL A 251 -17.34 5.95 -11.03
CA VAL A 251 -16.53 5.55 -9.88
C VAL A 251 -15.57 4.44 -10.27
N LEU A 252 -16.00 3.53 -11.14
CA LEU A 252 -15.10 2.48 -11.65
C LEU A 252 -14.00 3.08 -12.49
N ALA A 253 -14.36 4.03 -13.35
CA ALA A 253 -13.35 4.73 -14.14
C ALA A 253 -12.34 5.45 -13.22
N SER A 254 -12.81 6.08 -12.15
CA SER A 254 -11.91 6.77 -11.25
C SER A 254 -11.01 5.77 -10.54
N ALA A 255 -11.52 4.61 -10.16
CA ALA A 255 -10.68 3.58 -9.53
C ALA A 255 -9.61 3.11 -10.48
N ALA A 256 -9.98 2.88 -11.74
CA ALA A 256 -9.02 2.48 -12.75
C ALA A 256 -7.93 3.55 -12.96
N ARG A 257 -8.34 4.81 -12.95
N ARG A 257 -8.32 4.81 -12.96
CA ARG A 257 -7.40 5.92 -13.14
CA ARG A 257 -7.35 5.90 -13.16
C ARG A 257 -6.36 5.94 -12.01
C ARG A 257 -6.35 5.94 -12.01
N ILE A 258 -6.83 5.76 -10.78
CA ILE A 258 -5.94 5.70 -9.63
C ILE A 258 -4.96 4.53 -9.75
N ILE A 259 -5.46 3.37 -10.16
CA ILE A 259 -4.61 2.19 -10.33
C ILE A 259 -3.54 2.45 -11.40
N ALA A 260 -3.95 3.02 -12.54
CA ALA A 260 -3.03 3.29 -13.63
C ALA A 260 -1.94 4.28 -13.23
N GLU A 261 -2.35 5.29 -12.49
N GLU A 261 -2.32 5.31 -12.51
CA GLU A 261 -1.44 6.34 -12.03
CA GLU A 261 -1.35 6.32 -12.07
C GLU A 261 -0.48 5.80 -10.97
C GLU A 261 -0.40 5.73 -11.03
N GLY A 262 -0.83 4.70 -10.32
CA GLY A 262 -0.04 4.11 -9.25
C GLY A 262 0.94 3.03 -9.67
N LEU A 263 0.90 2.63 -10.93
CA LEU A 263 1.87 1.67 -11.45
C LEU A 263 3.28 2.26 -11.47
N ALA B 4 36.66 -6.95 5.85
CA ALA B 4 36.47 -7.29 7.29
C ALA B 4 35.09 -6.80 7.77
N VAL B 5 34.88 -5.49 7.79
N VAL B 5 34.88 -5.49 7.65
CA VAL B 5 33.72 -4.96 8.47
CA VAL B 5 33.78 -4.82 8.33
C VAL B 5 32.41 -5.40 7.81
C VAL B 5 32.43 -5.24 7.77
N GLN B 6 32.42 -5.52 6.49
CA GLN B 6 31.25 -6.04 5.79
C GLN B 6 30.90 -7.45 6.26
N GLN B 7 31.92 -8.32 6.19
N GLN B 7 31.90 -8.32 6.42
CA GLN B 7 31.86 -9.69 6.73
CA GLN B 7 31.63 -9.67 6.90
C GLN B 7 31.15 -9.67 8.09
C GLN B 7 31.09 -9.62 8.33
N LYS B 8 31.59 -8.80 8.98
N LYS B 8 31.69 -8.75 9.13
CA LYS B 8 31.16 -8.87 10.38
CA LYS B 8 31.32 -8.64 10.54
C LYS B 8 29.75 -8.34 10.56
C LYS B 8 29.87 -8.17 10.73
N LEU B 9 29.41 -7.25 9.88
CA LEU B 9 28.04 -6.75 9.95
C LEU B 9 27.05 -7.76 9.40
N ALA B 10 27.38 -8.43 8.29
CA ALA B 10 26.51 -9.48 7.77
C ALA B 10 26.31 -10.61 8.78
N ALA B 11 27.40 -11.01 9.44
CA ALA B 11 27.32 -12.10 10.43
C ALA B 11 26.48 -11.69 11.63
N LEU B 12 26.64 -10.45 12.08
CA LEU B 12 25.81 -9.94 13.17
C LEU B 12 24.35 -9.97 12.78
N GLU B 13 24.06 -9.51 11.58
CA GLU B 13 22.68 -9.53 11.10
C GLU B 13 22.14 -10.98 11.07
N LYS B 14 22.93 -11.91 10.54
CA LYS B 14 22.47 -13.29 10.44
C LYS B 14 22.18 -13.87 11.83
N SER B 15 23.08 -13.60 12.76
N SER B 15 23.09 -13.58 12.76
CA SER B 15 22.93 -14.06 14.14
CA SER B 15 22.93 -14.03 14.14
C SER B 15 21.66 -13.48 14.76
C SER B 15 21.65 -13.50 14.75
N SER B 16 21.33 -12.25 14.41
CA SER B 16 20.22 -11.51 15.02
C SER B 16 18.84 -11.98 14.57
N GLY B 17 18.78 -12.58 13.38
CA GLY B 17 17.51 -12.96 12.78
C GLY B 17 16.74 -11.88 12.03
N GLY B 18 17.25 -10.65 12.08
CA GLY B 18 16.53 -9.49 11.55
C GLY B 18 17.22 -8.85 10.37
N ARG B 19 16.89 -7.58 10.17
CA ARG B 19 17.39 -6.79 9.06
C ARG B 19 18.06 -5.54 9.65
N LEU B 20 19.35 -5.42 9.36
CA LEU B 20 20.22 -4.40 9.92
C LEU B 20 20.63 -3.40 8.83
N GLY B 21 20.55 -2.12 9.15
CA GLY B 21 21.01 -1.05 8.27
C GLY B 21 21.99 -0.16 8.99
N VAL B 22 23.13 0.09 8.37
CA VAL B 22 24.19 0.86 8.98
C VAL B 22 24.71 1.88 7.98
N ALA B 23 24.91 3.11 8.42
CA ALA B 23 25.69 4.08 7.66
C ALA B 23 26.56 4.88 8.60
N LEU B 24 27.86 4.85 8.29
CA LEU B 24 28.88 5.62 8.96
C LEU B 24 29.39 6.68 7.98
N ILE B 25 29.57 7.91 8.48
CA ILE B 25 30.44 8.92 7.83
C ILE B 25 31.52 9.26 8.84
N ASP B 26 32.79 9.03 8.46
CA ASP B 26 33.93 9.47 9.25
C ASP B 26 34.40 10.78 8.65
N THR B 27 34.20 11.87 9.37
CA THR B 27 34.54 13.17 8.80
C THR B 27 36.04 13.48 8.77
N ALA B 28 36.87 12.59 9.32
CA ALA B 28 38.34 12.74 9.17
C ALA B 28 38.80 12.68 7.70
N ASP B 29 38.19 11.76 6.95
N ASP B 29 38.30 11.73 6.91
CA ASP B 29 38.60 11.45 5.59
CA ASP B 29 38.63 11.69 5.47
C ASP B 29 37.39 11.26 4.68
C ASP B 29 37.41 11.49 4.58
N ASN B 30 36.22 11.66 5.18
CA ASN B 30 34.95 11.42 4.49
C ASN B 30 34.78 10.00 3.99
N THR B 31 35.30 9.05 4.75
N THR B 31 35.36 9.05 4.73
CA THR B 31 35.02 7.68 4.43
CA THR B 31 35.12 7.62 4.46
C THR B 31 33.69 7.21 4.99
C THR B 31 33.81 7.10 5.07
N GLN B 32 33.16 6.22 4.31
CA GLN B 32 31.85 5.71 4.62
C GLN B 32 31.91 4.22 4.76
N VAL B 33 31.06 3.72 5.63
CA VAL B 33 30.74 2.30 5.71
C VAL B 33 29.24 2.17 5.66
N LEU B 34 28.74 1.37 4.77
CA LEU B 34 27.33 1.16 4.53
C LEU B 34 26.99 -0.33 4.57
N TYR B 35 25.88 -0.65 5.20
CA TYR B 35 25.31 -2.00 5.15
C TYR B 35 23.81 -1.83 5.00
N ARG B 36 23.26 -2.31 3.89
CA ARG B 36 21.87 -2.03 3.51
C ARG B 36 21.63 -0.52 3.58
N GLY B 37 22.61 0.25 3.12
CA GLY B 37 22.61 1.70 3.28
C GLY B 37 21.55 2.42 2.46
N ASP B 38 21.05 1.75 1.42
CA ASP B 38 20.03 2.36 0.55
C ASP B 38 18.66 1.70 0.69
N GLU B 39 18.49 0.80 1.65
CA GLU B 39 17.19 0.25 1.94
C GLU B 39 16.41 1.18 2.88
N ARG B 40 15.09 1.22 2.71
CA ARG B 40 14.25 1.93 3.65
C ARG B 40 14.04 1.12 4.92
N PHE B 41 14.08 1.84 6.02
CA PHE B 41 13.76 1.32 7.35
C PHE B 41 12.79 2.28 8.03
N PRO B 42 11.91 1.75 8.90
CA PRO B 42 11.04 2.61 9.72
C PRO B 42 11.90 3.39 10.72
N MET B 43 11.83 4.72 10.69
CA MET B 43 12.62 5.56 11.56
C MET B 43 12.23 5.47 13.03
N CYS B 44 10.94 5.24 13.27
CA CYS B 44 10.37 5.35 14.60
C CYS B 44 10.83 6.72 15.19
N SER B 45 11.10 6.78 16.48
CA SER B 45 11.35 8.07 17.11
C SER B 45 12.64 8.73 16.72
N THR B 46 13.47 8.11 15.88
CA THR B 46 14.63 8.86 15.36
C THR B 46 14.19 10.01 14.49
N SER B 47 12.95 9.99 14.00
CA SER B 47 12.38 11.09 13.23
C SER B 47 12.20 12.35 14.05
N LYS B 48 12.25 12.24 15.38
CA LYS B 48 12.09 13.44 16.21
C LYS B 48 13.25 14.43 16.01
N VAL B 49 14.41 13.95 15.55
CA VAL B 49 15.52 14.86 15.24
C VAL B 49 15.10 15.83 14.12
N MET B 50 14.43 15.30 13.11
N MET B 50 14.49 15.31 13.05
CA MET B 50 14.03 16.12 11.97
CA MET B 50 14.06 16.16 11.97
C MET B 50 12.95 17.12 12.36
C MET B 50 13.01 17.16 12.45
N ALA B 51 12.04 16.72 13.25
CA ALA B 51 10.98 17.61 13.72
C ALA B 51 11.54 18.73 14.57
N ALA B 52 12.41 18.38 15.52
CA ALA B 52 13.04 19.41 16.34
C ALA B 52 13.85 20.37 15.48
N ALA B 53 14.61 19.85 14.53
CA ALA B 53 15.41 20.69 13.65
C ALA B 53 14.54 21.64 12.83
N ALA B 54 13.37 21.17 12.41
CA ALA B 54 12.48 22.01 11.63
C ALA B 54 11.97 23.17 12.46
N VAL B 55 11.65 22.93 13.72
CA VAL B 55 11.24 24.03 14.60
C VAL B 55 12.42 24.99 14.87
N LEU B 56 13.61 24.45 15.07
CA LEU B 56 14.79 25.30 15.17
C LEU B 56 14.95 26.21 13.94
N LYS B 57 14.77 25.64 12.75
CA LYS B 57 14.87 26.47 11.54
C LYS B 57 13.80 27.56 11.56
N GLN B 58 12.56 27.23 11.92
CA GLN B 58 11.51 28.26 12.02
C GLN B 58 11.95 29.40 12.94
N SER B 59 12.57 29.05 14.05
CA SER B 59 12.99 30.01 15.07
C SER B 59 14.07 30.97 14.56
N GLU B 60 14.72 30.67 13.43
CA GLU B 60 15.69 31.59 12.85
C GLU B 60 15.03 32.87 12.37
N THR B 61 13.73 32.80 12.03
CA THR B 61 12.99 33.99 11.59
C THR B 61 11.86 34.39 12.53
N GLN B 62 11.24 33.43 13.21
CA GLN B 62 10.29 33.74 14.30
C GLN B 62 11.05 33.76 15.61
N LYS B 63 11.60 34.93 15.96
CA LYS B 63 12.73 34.97 16.87
C LYS B 63 12.39 34.58 18.33
N GLN B 64 11.12 34.71 18.72
N GLN B 64 11.13 34.69 18.76
CA GLN B 64 10.66 34.34 20.07
CA GLN B 64 10.77 34.29 20.11
C GLN B 64 10.00 32.94 20.13
C GLN B 64 10.08 32.92 20.16
N LEU B 65 10.10 32.20 19.04
CA LEU B 65 9.35 30.97 18.88
C LEU B 65 9.61 29.96 19.98
N LEU B 66 10.87 29.79 20.36
CA LEU B 66 11.20 28.68 21.28
C LEU B 66 10.67 28.90 22.69
N ASN B 67 10.31 30.15 22.99
CA ASN B 67 9.70 30.46 24.28
C ASN B 67 8.17 30.52 24.24
N GLN B 68 7.61 30.19 23.08
N GLN B 68 7.58 30.27 23.08
CA GLN B 68 6.16 30.16 22.87
CA GLN B 68 6.14 30.38 22.97
C GLN B 68 5.54 29.11 23.78
C GLN B 68 5.43 29.20 23.65
N PRO B 69 4.55 29.50 24.61
CA PRO B 69 3.84 28.47 25.36
C PRO B 69 2.84 27.73 24.49
N VAL B 70 2.70 26.45 24.75
CA VAL B 70 1.81 25.57 24.02
C VAL B 70 0.97 24.81 25.03
N GLU B 71 -0.35 24.83 24.86
CA GLU B 71 -1.23 24.13 25.78
C GLU B 71 -1.06 22.62 25.66
N ILE B 72 -1.08 21.95 26.80
CA ILE B 72 -1.11 20.49 26.85
C ILE B 72 -2.43 20.07 27.49
N LYS B 73 -3.31 19.46 26.70
N LYS B 73 -3.26 19.38 26.70
CA LYS B 73 -4.62 19.02 27.20
CA LYS B 73 -4.61 18.98 27.12
C LYS B 73 -4.61 17.54 27.52
C LYS B 73 -4.64 17.49 27.46
N PRO B 74 -5.53 17.08 28.38
CA PRO B 74 -5.59 15.64 28.67
C PRO B 74 -5.73 14.79 27.40
N ALA B 75 -6.52 15.28 26.44
CA ALA B 75 -6.78 14.55 25.20
C ALA B 75 -5.53 14.43 24.30
N ASP B 76 -4.51 15.26 24.56
CA ASP B 76 -3.28 15.22 23.78
C ASP B 76 -2.39 14.05 24.17
N LEU B 77 -2.53 13.54 25.39
CA LEU B 77 -1.66 12.46 25.81
C LEU B 77 -1.88 11.22 24.96
N VAL B 78 -0.79 10.57 24.59
CA VAL B 78 -0.80 9.35 23.83
C VAL B 78 -0.20 8.22 24.67
N ASN B 79 0.66 7.40 24.11
CA ASN B 79 1.09 6.17 24.76
C ASN B 79 2.33 6.33 25.63
N TYR B 80 3.10 7.38 25.45
CA TYR B 80 4.37 7.52 26.15
C TYR B 80 4.69 9.02 26.24
N ASN B 81 4.46 9.56 27.44
N ASN B 81 4.44 9.61 27.39
CA ASN B 81 4.36 11.00 27.71
CA ASN B 81 4.63 11.05 27.48
C ASN B 81 5.05 11.38 29.03
C ASN B 81 5.10 11.43 28.87
N PRO B 82 6.29 10.93 29.24
CA PRO B 82 6.87 11.07 30.57
C PRO B 82 7.02 12.51 31.06
N ILE B 83 7.17 13.45 30.13
CA ILE B 83 7.28 14.86 30.48
C ILE B 83 5.91 15.54 30.37
N ALA B 84 5.22 15.36 29.24
CA ALA B 84 3.96 16.07 29.04
C ALA B 84 2.90 15.80 30.09
N GLU B 85 3.01 14.63 30.72
N GLU B 85 2.85 14.57 30.60
CA GLU B 85 2.04 14.19 31.73
CA GLU B 85 1.81 14.26 31.56
C GLU B 85 2.11 15.06 32.99
C GLU B 85 1.92 15.19 32.79
N LYS B 86 3.25 15.72 33.20
N LYS B 86 3.12 15.65 33.11
CA LYS B 86 3.39 16.62 34.35
CA LYS B 86 3.32 16.53 34.26
C LYS B 86 2.73 17.97 34.08
C LYS B 86 2.73 17.92 34.07
N HIS B 87 2.48 18.28 32.81
CA HIS B 87 2.07 19.62 32.40
C HIS B 87 0.68 19.68 31.77
N VAL B 88 -0.05 18.58 31.89
N VAL B 88 -0.04 18.57 31.86
CA VAL B 88 -1.42 18.54 31.39
CA VAL B 88 -1.42 18.54 31.39
C VAL B 88 -2.27 19.58 32.12
C VAL B 88 -2.22 19.63 32.10
N ASN B 89 -3.17 20.23 31.38
CA ASN B 89 -3.95 21.37 31.88
C ASN B 89 -3.03 22.55 32.25
N GLY B 90 -1.91 22.60 31.54
CA GLY B 90 -0.95 23.69 31.62
C GLY B 90 -0.26 23.85 30.26
N THR B 91 0.93 24.43 30.27
CA THR B 91 1.64 24.71 29.04
C THR B 91 3.09 24.27 29.15
N MET B 92 3.70 24.06 27.99
CA MET B 92 5.15 23.90 27.85
C MET B 92 5.58 24.79 26.70
N THR B 93 6.80 25.29 26.75
CA THR B 93 7.33 26.06 25.63
C THR B 93 7.79 25.12 24.51
N LEU B 94 7.95 25.65 23.31
CA LEU B 94 8.51 24.86 22.23
C LEU B 94 9.93 24.36 22.52
N ALA B 95 10.75 25.12 23.27
CA ALA B 95 12.08 24.62 23.69
C ALA B 95 11.91 23.41 24.60
N GLU B 96 11.01 23.51 25.57
CA GLU B 96 10.76 22.41 26.49
C GLU B 96 10.23 21.20 25.73
N LEU B 97 9.32 21.41 24.79
CA LEU B 97 8.81 20.30 24.00
C LEU B 97 9.88 19.64 23.13
N SER B 98 10.81 20.45 22.60
CA SER B 98 11.91 19.91 21.81
C SER B 98 12.82 19.04 22.68
N ALA B 99 13.17 19.52 23.87
CA ALA B 99 14.00 18.75 24.78
C ALA B 99 13.27 17.48 25.23
N ALA B 100 11.97 17.60 25.52
CA ALA B 100 11.20 16.42 25.93
C ALA B 100 11.20 15.37 24.82
N ALA B 101 10.91 15.79 23.59
CA ALA B 101 10.89 14.88 22.46
C ALA B 101 12.26 14.21 22.28
N LEU B 102 13.31 15.02 22.25
CA LEU B 102 14.64 14.50 21.94
C LEU B 102 15.23 13.68 23.09
N GLN B 103 15.18 14.21 24.30
CA GLN B 103 15.97 13.65 25.42
C GLN B 103 15.22 12.58 26.19
N TYR B 104 13.88 12.60 26.11
CA TYR B 104 13.03 11.63 26.81
C TYR B 104 12.15 10.83 25.86
N SER B 105 12.16 11.17 24.58
CA SER B 105 11.32 10.53 23.58
C SER B 105 9.83 10.63 23.90
N ASP B 106 9.43 11.80 24.39
CA ASP B 106 8.04 12.06 24.70
C ASP B 106 7.24 12.21 23.41
N ASN B 107 6.23 11.36 23.24
CA ASN B 107 5.44 11.33 22.02
C ASN B 107 4.44 12.49 21.92
N THR B 108 3.90 12.93 23.06
CA THR B 108 3.04 14.10 23.03
C THR B 108 3.83 15.34 22.58
N ALA B 109 5.07 15.46 23.08
CA ALA B 109 5.96 16.52 22.68
C ALA B 109 6.23 16.47 21.19
N MET B 110 6.57 15.30 20.66
CA MET B 110 6.74 15.17 19.21
C MET B 110 5.51 15.64 18.47
N ASN B 111 4.30 15.26 18.92
CA ASN B 111 3.12 15.68 18.21
C ASN B 111 2.94 17.20 18.22
N LYS B 112 3.35 17.88 19.26
CA LYS B 112 3.33 19.33 19.27
C LYS B 112 4.32 19.92 18.28
N LEU B 113 5.49 19.32 18.13
CA LEU B 113 6.47 19.76 17.11
C LEU B 113 5.90 19.59 15.72
N ILE B 114 5.27 18.44 15.47
CA ILE B 114 4.67 18.18 14.18
C ILE B 114 3.59 19.20 13.89
N ALA B 115 2.72 19.48 14.87
CA ALA B 115 1.64 20.44 14.68
C ALA B 115 2.20 21.84 14.38
N GLN B 116 3.31 22.20 15.01
CA GLN B 116 3.96 23.47 14.76
C GLN B 116 4.42 23.62 13.29
N LEU B 117 4.67 22.49 12.65
N LEU B 117 4.71 22.50 12.64
CA LEU B 117 5.10 22.46 11.26
CA LEU B 117 5.09 22.46 11.23
C LEU B 117 3.92 22.20 10.31
C LEU B 117 3.91 22.25 10.30
N GLY B 118 2.70 22.22 10.86
CA GLY B 118 1.48 22.06 10.07
C GLY B 118 1.09 20.63 9.77
N GLY B 119 1.78 19.67 10.37
CA GLY B 119 1.55 18.26 10.13
C GLY B 119 2.80 17.55 9.67
N PRO B 120 2.74 16.23 9.56
CA PRO B 120 3.90 15.47 9.15
C PRO B 120 4.50 15.96 7.84
N GLY B 121 3.67 16.41 6.92
CA GLY B 121 4.14 16.93 5.64
C GLY B 121 5.06 18.11 5.80
N GLY B 122 4.86 18.92 6.82
CA GLY B 122 5.73 20.05 7.10
C GLY B 122 7.12 19.63 7.52
N VAL B 123 7.21 18.54 8.28
CA VAL B 123 8.50 17.97 8.62
C VAL B 123 9.23 17.46 7.38
N THR B 124 8.49 16.78 6.51
CA THR B 124 9.05 16.33 5.25
C THR B 124 9.49 17.50 4.36
N ALA B 125 8.71 18.58 4.34
CA ALA B 125 9.08 19.74 3.57
C ALA B 125 10.39 20.34 4.06
N PHE B 126 10.58 20.37 5.37
CA PHE B 126 11.86 20.80 5.90
C PHE B 126 13.02 19.92 5.42
N ALA B 127 12.80 18.62 5.46
CA ALA B 127 13.81 17.68 5.00
C ALA B 127 14.19 18.01 3.56
N ARG B 128 13.20 18.24 2.71
CA ARG B 128 13.46 18.60 1.33
C ARG B 128 14.22 19.89 1.22
N ALA B 129 13.89 20.87 2.05
CA ALA B 129 14.59 22.15 2.03
C ALA B 129 16.07 22.04 2.35
N ILE B 130 16.46 21.06 3.15
CA ILE B 130 17.86 20.88 3.51
C ILE B 130 18.52 19.80 2.67
N GLY B 131 17.88 19.38 1.59
CA GLY B 131 18.51 18.53 0.59
C GLY B 131 18.30 17.04 0.77
N ASP B 132 17.42 16.65 1.69
CA ASP B 132 17.12 15.23 1.92
C ASP B 132 15.88 14.87 1.13
N GLU B 133 16.10 14.15 0.05
N GLU B 133 16.08 14.10 0.07
CA GLU B 133 15.07 13.73 -0.88
CA GLU B 133 15.02 13.75 -0.86
C GLU B 133 14.43 12.39 -0.54
C GLU B 133 14.50 12.34 -0.59
N THR B 134 14.92 11.74 0.52
CA THR B 134 14.58 10.38 0.87
C THR B 134 13.62 10.29 2.08
N PHE B 135 13.93 11.05 3.12
CA PHE B 135 13.12 11.09 4.33
C PHE B 135 11.65 11.30 4.02
N ARG B 136 10.76 10.62 4.71
CA ARG B 136 9.34 10.98 4.69
C ARG B 136 8.75 10.73 6.07
N LEU B 137 8.05 11.74 6.59
CA LEU B 137 7.19 11.59 7.76
C LEU B 137 5.75 11.74 7.29
N ASP B 138 4.96 10.72 7.60
CA ASP B 138 3.60 10.57 7.12
C ASP B 138 2.57 10.67 8.24
N ARG B 139 2.95 10.30 9.45
CA ARG B 139 2.01 10.14 10.57
C ARG B 139 2.54 10.79 11.83
N THR B 140 1.62 11.04 12.76
CA THR B 140 1.94 11.44 14.11
C THR B 140 2.34 10.22 14.96
N ALA B 141 2.74 10.51 16.19
CA ALA B 141 3.00 9.48 17.17
C ALA B 141 1.68 9.10 17.85
N PRO B 142 1.45 7.80 18.12
CA PRO B 142 2.43 6.72 18.02
C PRO B 142 2.42 5.98 16.68
N THR B 143 1.47 6.24 15.79
CA THR B 143 1.34 5.40 14.62
C THR B 143 2.53 5.47 13.68
N LEU B 144 3.38 6.50 13.75
CA LEU B 144 4.57 6.54 12.93
C LEU B 144 5.49 5.35 13.25
N ASN B 145 5.26 4.64 14.38
CA ASN B 145 6.11 3.54 14.82
C ASN B 145 5.56 2.15 14.48
N THR B 146 4.53 2.05 13.62
CA THR B 146 4.00 0.73 13.27
C THR B 146 5.00 -0.23 12.62
N ALA B 147 5.92 0.32 11.83
CA ALA B 147 7.06 -0.40 11.32
C ALA B 147 6.67 -1.64 10.52
N ILE B 148 5.60 -1.54 9.72
CA ILE B 148 5.10 -2.67 8.97
C ILE B 148 6.04 -2.97 7.80
N PRO B 149 6.45 -4.23 7.66
CA PRO B 149 7.38 -4.54 6.58
C PRO B 149 6.84 -4.13 5.21
N GLY B 150 7.67 -3.46 4.41
CA GLY B 150 7.27 -3.05 3.07
C GLY B 150 6.56 -1.72 2.98
N ASP B 151 6.17 -1.18 4.13
CA ASP B 151 5.45 0.08 4.17
C ASP B 151 6.44 1.23 4.08
N PRO B 152 6.32 2.10 3.07
CA PRO B 152 7.26 3.21 2.97
C PRO B 152 6.96 4.38 3.90
N ARG B 153 5.81 4.40 4.53
CA ARG B 153 5.51 5.51 5.41
C ARG B 153 6.54 5.64 6.55
N ASP B 154 6.91 6.88 6.89
CA ASP B 154 7.76 7.11 8.06
C ASP B 154 9.09 6.34 7.99
N THR B 155 9.66 6.34 6.79
CA THR B 155 10.93 5.69 6.54
C THR B 155 11.97 6.63 5.98
N THR B 156 13.22 6.18 6.09
CA THR B 156 14.33 6.74 5.34
C THR B 156 15.35 5.65 5.13
N THR B 157 16.47 5.98 4.48
CA THR B 157 17.60 5.05 4.32
C THR B 157 18.72 5.43 5.27
N PRO B 158 19.55 4.46 5.67
CA PRO B 158 20.66 4.82 6.55
C PRO B 158 21.58 5.86 5.89
N ARG B 159 21.85 5.73 4.59
CA ARG B 159 22.72 6.67 3.91
C ARG B 159 22.15 8.09 4.04
N ALA B 160 20.87 8.25 3.71
CA ALA B 160 20.26 9.55 3.73
C ALA B 160 20.23 10.15 5.12
N MET B 161 19.92 9.32 6.10
N MET B 161 19.92 9.36 6.13
CA MET B 161 19.82 9.81 7.47
CA MET B 161 19.84 9.92 7.48
C MET B 161 21.19 10.26 7.98
C MET B 161 21.21 10.25 8.06
N ALA B 162 22.24 9.51 7.67
CA ALA B 162 23.57 9.88 8.13
C ALA B 162 23.98 11.22 7.50
N GLN B 163 23.71 11.38 6.20
CA GLN B 163 24.06 12.62 5.54
C GLN B 163 23.29 13.81 6.15
N THR B 164 22.00 13.64 6.39
CA THR B 164 21.21 14.70 6.99
C THR B 164 21.65 14.99 8.43
N LEU B 165 21.94 13.96 9.21
CA LEU B 165 22.37 14.21 10.58
C LEU B 165 23.72 14.96 10.59
N ARG B 166 24.60 14.63 9.65
CA ARG B 166 25.83 15.38 9.48
C ARG B 166 25.54 16.86 9.18
N GLN B 167 24.69 17.12 8.20
N GLN B 167 24.61 17.09 8.27
CA GLN B 167 24.38 18.52 7.86
CA GLN B 167 24.31 18.44 7.81
C GLN B 167 23.80 19.27 9.05
C GLN B 167 23.64 19.29 8.90
N LEU B 168 22.88 18.63 9.78
CA LEU B 168 22.23 19.29 10.91
C LEU B 168 23.15 19.62 12.06
N THR B 169 24.05 18.70 12.38
CA THR B 169 24.88 18.80 13.60
C THR B 169 26.28 19.34 13.37
N LEU B 170 26.82 19.18 12.14
CA LEU B 170 28.20 19.54 11.81
C LEU B 170 28.28 20.48 10.61
N GLY B 171 27.20 20.59 9.84
CA GLY B 171 27.17 21.44 8.68
C GLY B 171 26.32 22.66 8.92
N HIS B 172 25.69 23.14 7.86
CA HIS B 172 25.09 24.46 7.84
C HIS B 172 23.62 24.41 7.39
N ALA B 173 22.94 23.29 7.66
CA ALA B 173 21.53 23.26 7.43
C ALA B 173 20.80 24.24 8.36
N LEU B 174 21.31 24.39 9.58
CA LEU B 174 20.78 25.30 10.58
C LEU B 174 21.75 26.45 10.81
N GLY B 175 21.25 27.55 11.33
CA GLY B 175 22.12 28.62 11.79
C GLY B 175 23.00 28.19 12.95
N GLU B 176 23.99 29.01 13.23
N GLU B 176 24.09 28.88 13.20
CA GLU B 176 25.01 28.64 14.20
CA GLU B 176 25.07 28.36 14.17
C GLU B 176 24.38 28.24 15.53
C GLU B 176 24.48 28.13 15.57
N THR B 177 23.64 29.16 16.11
N THR B 177 23.66 29.04 16.07
CA THR B 177 23.07 28.97 17.45
CA THR B 177 23.22 28.84 17.44
C THR B 177 22.19 27.73 17.48
C THR B 177 22.11 27.80 17.54
N GLN B 178 21.42 27.56 16.42
CA GLN B 178 20.46 26.49 16.31
C GLN B 178 21.15 25.12 16.20
N ARG B 179 22.21 25.03 15.41
N ARG B 179 22.20 25.05 15.38
CA ARG B 179 23.00 23.82 15.34
CA ARG B 179 23.05 23.86 15.31
C ARG B 179 23.52 23.47 16.73
C ARG B 179 23.55 23.48 16.69
N ALA B 180 24.09 24.46 17.40
CA ALA B 180 24.63 24.23 18.73
C ALA B 180 23.53 23.76 19.69
N GLN B 181 22.33 24.33 19.60
CA GLN B 181 21.24 23.91 20.46
C GLN B 181 20.87 22.45 20.18
N LEU B 182 20.80 22.08 18.91
CA LEU B 182 20.46 20.69 18.58
C LEU B 182 21.51 19.73 19.18
N VAL B 183 22.79 20.07 19.00
CA VAL B 183 23.85 19.24 19.50
C VAL B 183 23.77 19.13 21.03
N THR B 184 23.55 20.24 21.72
CA THR B 184 23.38 20.21 23.16
C THR B 184 22.24 19.28 23.58
N TRP B 185 21.13 19.36 22.88
CA TRP B 185 19.99 18.50 23.21
C TRP B 185 20.40 17.03 23.02
N LEU B 186 20.98 16.70 21.87
CA LEU B 186 21.35 15.31 21.59
C LEU B 186 22.33 14.75 22.61
N LYS B 187 23.30 15.55 23.04
CA LYS B 187 24.28 15.12 24.01
C LYS B 187 23.66 14.85 25.38
N GLY B 188 22.53 15.48 25.67
CA GLY B 188 21.78 15.25 26.90
C GLY B 188 20.71 14.18 26.82
N ASN B 189 20.70 13.39 25.76
CA ASN B 189 19.75 12.30 25.66
C ASN B 189 19.85 11.39 26.87
N THR B 190 18.68 10.93 27.37
CA THR B 190 18.64 10.01 28.50
C THR B 190 18.52 8.55 28.08
N THR B 191 18.16 8.27 26.82
CA THR B 191 17.71 6.93 26.45
C THR B 191 18.73 6.08 25.71
N GLY B 192 19.97 6.56 25.57
CA GLY B 192 20.92 6.00 24.62
C GLY B 192 22.03 5.08 25.10
N ALA B 193 22.20 4.87 26.40
CA ALA B 193 23.40 4.19 26.90
C ALA B 193 23.48 2.72 26.52
N ALA B 194 22.37 2.10 26.13
CA ALA B 194 22.37 0.69 25.76
C ALA B 194 22.54 0.47 24.26
N SER B 195 22.59 1.54 23.47
CA SER B 195 22.50 1.42 22.01
C SER B 195 23.90 1.72 21.44
N ILE B 196 24.03 2.63 20.47
CA ILE B 196 25.34 2.88 19.89
C ILE B 196 26.43 3.11 20.95
N ARG B 197 26.09 3.92 21.96
N ARG B 197 26.12 3.89 21.98
CA ARG B 197 27.04 4.26 23.03
CA ARG B 197 27.12 4.26 22.96
C ARG B 197 27.67 3.02 23.63
C ARG B 197 27.66 3.04 23.72
N ALA B 198 26.87 1.97 23.82
CA ALA B 198 27.34 0.78 24.54
C ALA B 198 28.43 0.05 23.76
N GLY B 199 28.57 0.33 22.48
CA GLY B 199 29.60 -0.27 21.65
C GLY B 199 30.89 0.54 21.51
N LEU B 200 30.90 1.71 22.12
CA LEU B 200 32.01 2.67 21.93
C LEU B 200 32.79 2.84 23.21
N PRO B 201 34.04 3.25 23.08
CA PRO B 201 34.78 3.60 24.31
C PRO B 201 34.11 4.70 25.11
N THR B 202 34.13 4.56 26.44
CA THR B 202 33.49 5.52 27.35
C THR B 202 34.01 6.95 27.15
N SER B 203 35.28 7.09 26.79
CA SER B 203 35.88 8.40 26.62
C SER B 203 35.31 9.20 25.46
N TRP B 204 34.64 8.55 24.52
CA TRP B 204 34.14 9.23 23.34
C TRP B 204 32.85 9.96 23.70
N THR B 205 32.65 11.14 23.16
CA THR B 205 31.44 11.92 23.43
C THR B 205 30.38 11.61 22.36
N VAL B 206 29.16 11.34 22.80
CA VAL B 206 28.07 10.98 21.90
C VAL B 206 26.84 11.84 22.15
N GLY B 207 26.23 12.28 21.06
CA GLY B 207 24.84 12.74 21.11
C GLY B 207 24.00 11.86 20.22
N ASP B 208 22.82 11.43 20.66
CA ASP B 208 22.08 10.41 19.89
C ASP B 208 20.60 10.56 20.12
N LYS B 209 19.85 9.93 19.22
CA LYS B 209 18.39 9.74 19.38
C LYS B 209 18.04 8.32 19.01
N THR B 210 17.39 7.64 19.95
CA THR B 210 16.91 6.29 19.78
C THR B 210 15.52 6.25 19.16
N GLY B 211 15.11 5.05 18.76
CA GLY B 211 13.72 4.81 18.40
C GLY B 211 13.38 3.35 18.56
N SER B 212 12.09 3.12 18.78
N SER B 212 12.15 3.05 18.97
CA SER B 212 11.54 1.77 18.95
CA SER B 212 11.67 1.67 18.84
C SER B 212 10.18 1.71 18.27
C SER B 212 10.20 1.64 18.45
N GLY B 213 9.78 0.51 17.90
CA GLY B 213 8.43 0.33 17.38
C GLY B 213 8.08 -1.14 17.25
N ASP B 214 6.98 -1.38 16.59
CA ASP B 214 6.59 -2.78 16.37
C ASP B 214 7.65 -3.48 15.49
N TYR B 215 7.47 -4.79 15.33
CA TYR B 215 8.44 -5.62 14.62
C TYR B 215 9.82 -5.53 15.26
N GLY B 216 9.81 -5.35 16.59
CA GLY B 216 11.07 -5.33 17.33
C GLY B 216 12.02 -4.29 16.79
N THR B 217 11.48 -3.19 16.30
CA THR B 217 12.32 -2.19 15.64
C THR B 217 13.10 -1.44 16.71
N THR B 218 14.40 -1.35 16.49
CA THR B 218 15.35 -0.82 17.46
C THR B 218 16.36 0.00 16.69
N ASN B 219 16.34 1.32 16.90
CA ASN B 219 17.12 2.24 16.09
C ASN B 219 17.95 3.19 16.98
N ASP B 220 18.99 3.76 16.37
CA ASP B 220 19.75 4.83 17.02
C ASP B 220 20.49 5.59 15.93
N ILE B 221 20.51 6.91 16.06
CA ILE B 221 21.29 7.77 15.19
C ILE B 221 22.14 8.67 16.09
N ALA B 222 23.43 8.80 15.74
CA ALA B 222 24.38 9.45 16.65
C ALA B 222 25.39 10.30 15.91
N VAL B 223 25.81 11.38 16.58
N VAL B 223 25.80 11.37 16.58
CA VAL B 223 27.03 12.11 16.23
CA VAL B 223 27.03 12.04 16.26
C VAL B 223 28.02 11.85 17.37
C VAL B 223 28.01 11.76 17.37
N ILE B 224 29.25 11.52 16.97
CA ILE B 224 30.24 10.94 17.88
C ILE B 224 31.55 11.70 17.73
N TRP B 225 32.12 12.13 18.84
CA TRP B 225 33.45 12.74 18.87
C TRP B 225 34.41 11.79 19.57
N PRO B 226 35.12 10.98 18.77
CA PRO B 226 36.12 10.10 19.37
C PRO B 226 37.23 10.93 19.99
N GLN B 227 37.85 10.43 20.98
N GLN B 227 38.01 10.06 21.07
CA GLN B 227 39.01 10.98 21.67
CA GLN B 227 38.87 11.10 21.63
C GLN B 227 40.10 11.35 20.66
C GLN B 227 40.05 11.36 20.70
N GLY B 228 40.33 12.65 20.51
CA GLY B 228 41.45 13.13 19.70
C GLY B 228 41.21 13.11 18.19
N ARG B 229 39.95 12.95 17.78
N ARG B 229 39.97 12.79 17.79
CA ARG B 229 39.64 12.74 16.38
CA ARG B 229 39.59 12.58 16.37
C ARG B 229 38.42 13.49 15.87
C ARG B 229 38.50 13.57 15.89
N ALA B 230 38.41 13.75 14.57
CA ALA B 230 37.24 14.38 13.93
C ALA B 230 35.99 13.54 14.16
N PRO B 231 34.83 14.21 14.16
CA PRO B 231 33.61 13.46 14.49
C PRO B 231 33.19 12.45 13.44
N LEU B 232 32.37 11.52 13.92
CA LEU B 232 31.68 10.53 13.10
C LEU B 232 30.18 10.81 13.18
N VAL B 233 29.46 10.36 12.16
CA VAL B 233 28.01 10.22 12.22
C VAL B 233 27.70 8.76 11.94
N LEU B 234 26.85 8.17 12.78
CA LEU B 234 26.52 6.76 12.67
C LEU B 234 25.03 6.55 12.83
N VAL B 235 24.45 5.84 11.86
N VAL B 235 24.43 5.89 11.85
CA VAL B 235 23.04 5.41 11.88
CA VAL B 235 23.06 5.43 11.95
C VAL B 235 23.04 3.91 11.97
C VAL B 235 23.03 3.91 11.98
N THR B 236 22.27 3.38 12.92
CA THR B 236 22.05 1.94 13.07
C THR B 236 20.55 1.71 13.20
N TYR B 237 20.03 1.01 12.19
N TYR B 237 19.91 1.15 12.17
CA TYR B 237 18.62 0.64 12.14
CA TYR B 237 18.51 0.73 12.23
C TYR B 237 18.46 -0.87 12.20
C TYR B 237 18.46 -0.78 12.26
N PHE B 238 17.43 -1.33 12.91
CA PHE B 238 17.24 -2.78 13.02
C PHE B 238 15.76 -3.07 13.16
N THR B 239 15.27 -4.06 12.39
CA THR B 239 13.90 -4.45 12.47
C THR B 239 13.80 -5.95 12.20
N GLN B 240 12.72 -6.55 12.67
CA GLN B 240 12.64 -8.01 12.76
C GLN B 240 11.36 -8.56 12.11
N PRO B 241 11.29 -9.90 11.92
CA PRO B 241 10.17 -10.40 11.12
C PRO B 241 8.84 -10.46 11.87
N GLN B 242 8.88 -10.58 13.18
N GLN B 242 8.86 -10.66 13.17
CA GLN B 242 7.67 -10.80 13.99
CA GLN B 242 7.62 -10.86 13.94
C GLN B 242 7.19 -9.49 14.55
C GLN B 242 7.16 -9.55 14.60
N GLN B 243 5.87 -9.26 14.46
CA GLN B 243 5.30 -8.00 14.95
C GLN B 243 5.62 -7.75 16.43
N ASN B 244 5.63 -8.83 17.20
N ASN B 244 5.50 -8.79 17.26
CA ASN B 244 5.75 -8.74 18.66
CA ASN B 244 5.75 -8.64 18.70
C ASN B 244 7.19 -8.93 19.16
C ASN B 244 7.16 -9.08 19.12
N ALA B 245 8.13 -8.93 18.23
CA ALA B 245 9.53 -9.19 18.59
C ALA B 245 10.03 -8.22 19.68
N GLU B 246 10.98 -8.72 20.47
N GLU B 246 10.97 -8.67 20.49
CA GLU B 246 11.69 -7.94 21.49
CA GLU B 246 11.51 -7.81 21.54
C GLU B 246 12.57 -6.85 20.89
C GLU B 246 12.64 -6.94 21.01
N SER B 247 12.81 -5.79 21.64
CA SER B 247 13.87 -4.86 21.30
C SER B 247 15.24 -5.52 21.41
N ARG B 248 16.16 -5.07 20.57
CA ARG B 248 17.51 -5.61 20.52
C ARG B 248 18.55 -4.50 20.47
N ARG B 249 18.62 -3.73 21.55
CA ARG B 249 19.57 -2.62 21.59
C ARG B 249 21.00 -3.16 21.55
N ASP B 250 21.20 -4.39 22.02
CA ASP B 250 22.51 -5.03 21.92
C ASP B 250 23.01 -5.15 20.49
N VAL B 251 22.11 -5.36 19.54
CA VAL B 251 22.52 -5.46 18.14
C VAL B 251 23.12 -4.13 17.65
N LEU B 252 22.52 -3.02 18.08
CA LEU B 252 23.04 -1.71 17.72
C LEU B 252 24.41 -1.46 18.37
N ALA B 253 24.55 -1.83 19.63
CA ALA B 253 25.82 -1.75 20.34
C ALA B 253 26.88 -2.60 19.59
N SER B 254 26.48 -3.79 19.16
CA SER B 254 27.44 -4.68 18.47
C SER B 254 27.86 -4.11 17.12
N ALA B 255 26.92 -3.50 16.40
CA ALA B 255 27.22 -2.86 15.13
C ALA B 255 28.18 -1.68 15.35
N ALA B 256 27.95 -0.88 16.38
CA ALA B 256 28.81 0.24 16.70
C ALA B 256 30.23 -0.23 17.09
N ARG B 257 30.32 -1.31 17.85
CA ARG B 257 31.61 -1.89 18.22
C ARG B 257 32.40 -2.37 17.01
N ILE B 258 31.71 -2.98 16.04
CA ILE B 258 32.35 -3.37 14.79
C ILE B 258 32.91 -2.17 14.06
N ILE B 259 32.09 -1.14 13.92
CA ILE B 259 32.49 0.09 13.27
C ILE B 259 33.70 0.70 13.98
N ALA B 260 33.66 0.79 15.31
CA ALA B 260 34.73 1.45 16.06
C ALA B 260 36.05 0.72 15.87
N GLU B 261 35.99 -0.60 15.83
N GLU B 261 36.00 -0.61 15.86
CA GLU B 261 37.21 -1.40 15.74
CA GLU B 261 37.23 -1.39 15.75
C GLU B 261 37.79 -1.35 14.33
C GLU B 261 37.80 -1.37 14.32
N GLY B 262 37.01 -0.83 13.39
CA GLY B 262 37.41 -0.76 11.99
C GLY B 262 37.90 0.62 11.56
N LEU B 263 37.80 1.59 12.46
N LEU B 263 37.91 1.55 12.51
CA LEU B 263 38.34 2.93 12.20
CA LEU B 263 38.04 2.96 12.20
C LEU B 263 39.84 2.84 11.90
C LEU B 263 39.50 3.32 11.94
K K C . -29.49 -0.50 -10.99
RU JSD D . -34.20 -6.93 -11.34
C11 JSD D . -35.89 -8.03 -12.21
C12 JSD D . -36.37 -7.06 -11.36
C13 JSD D . -36.01 -5.83 -11.87
C14 JSD D . -35.27 -6.04 -13.01
C15 JSD D . -35.21 -7.39 -13.23
C16 JSD D . -32.98 -8.16 -9.98
C17 JSD D . -32.25 -7.86 -11.11
C18 JSD D . -32.08 -6.48 -11.20
C19 JSD D . -32.71 -5.92 -10.09
C20 JSD D . -33.26 -6.96 -9.35
C24 JSD D . -31.48 -5.76 -12.35
C25 JSD D . -31.09 -6.57 -13.58
C26 JSD D . -29.92 -5.97 -14.33
C27 JSD D . -29.60 -6.76 -15.60
O28 JSD D . -31.16 -4.59 -12.21
O29 JSD D . -30.27 -7.76 -15.88
N30 JSD D . -28.67 -6.29 -16.41
C31 JSD D . -28.32 -7.01 -17.64
N33 JSD D . -25.99 -6.13 -17.66
C34 JSD D . -27.20 -6.30 -18.45
S49 JSD D . -27.78 -4.67 -18.94
C50 JSD D . -26.15 -3.96 -18.69
C51 JSD D . -25.61 -4.75 -17.47
C52 JSD D . -25.29 -4.12 -19.95
C53 JSD D . -26.28 -2.49 -18.29
C63 JSD D . -24.14 -4.64 -17.36
O64 JSD D . -23.37 -5.43 -17.87
O65 JSD D . -23.70 -3.67 -16.61
RU JSC E . -10.27 -31.92 -18.09
C11 JSC E . -10.92 -30.34 -16.73
C12 JSC E . -11.95 -31.24 -16.88
C13 JSC E . -11.54 -32.46 -16.38
C14 JSC E . -10.24 -32.34 -15.94
C15 JSC E . -9.85 -31.02 -16.15
C16 JSC E . -10.77 -32.29 -20.23
C17 JSC E . -9.96 -31.16 -20.14
C18 JSC E . -8.74 -31.52 -19.59
C19 JSC E . -8.78 -32.90 -19.37
C20 JSC E . -10.04 -33.36 -19.72
C24 JSC E . -7.65 -30.56 -19.26
C25 JSC E . -6.39 -31.13 -18.63
C26 JSC E . -5.49 -30.02 -18.10
C27 JSC E . -6.08 -29.42 -16.84
O28 JSC E . -7.84 -29.35 -19.38
O29 JSC E . -6.41 -30.16 -15.91
N30 JSC E . -6.16 -28.09 -16.79
C31 JSC E . -6.67 -27.40 -15.63
C32 JSC E . -8.15 -27.62 -15.51
N33 JSC E . -4.96 -25.72 -15.54
C34 JSC E . -6.39 -25.91 -15.69
O38 JSC E . -8.90 -27.51 -16.47
S49 JSC E . -7.19 -25.00 -14.36
C50 JSC E . -5.68 -24.55 -13.56
C51 JSC E . -4.58 -25.45 -14.16
C52 JSC E . -5.77 -24.72 -12.05
C53 JSC E . -5.37 -23.08 -13.92
C63 JSC E . -3.23 -24.86 -14.05
O64 JSC E . -2.71 -24.35 -15.03
O65 JSC E . -2.60 -24.90 -12.87
O67 JSC E . -8.65 -27.90 -14.32
RU JSE F . 1.76 -18.58 -13.27
C11 JSE F . 1.79 -20.41 -14.50
C12 JSE F . 3.08 -19.90 -14.44
C13 JSE F . 3.48 -19.93 -13.13
C14 JSE F . 2.45 -20.44 -12.36
C15 JSE F . 1.40 -20.74 -13.22
C16 JSE F . 0.61 -16.98 -14.27
C17 JSE F . -0.09 -17.40 -13.13
C18 JSE F . 0.71 -17.16 -12.03
C19 JSE F . 1.88 -16.55 -12.47
C20 JSE F . 1.83 -16.49 -13.87
C24 JSE F . 0.35 -17.52 -10.64
C25 JSE F . -0.91 -18.36 -10.45
C26 JSE F . -1.22 -18.62 -8.99
C27 JSE F . -1.57 -17.32 -8.31
O28 JSE F . 1.05 -17.16 -9.72
O29 JSE F . -2.08 -16.39 -8.92
N30 JSE F . -1.29 -17.28 -7.01
C31 JSE F . -1.64 -16.13 -6.23
C32 JSE F . -0.66 -15.00 -6.39
N33 JSE F . -2.14 -15.54 -3.88
C34 JSE F . -1.72 -16.60 -4.79
O38 JSE F . 0.56 -15.13 -6.32
S49 JSE F . -2.88 -17.90 -4.53
C50 JSE F . -3.50 -17.33 -2.95
C51 JSE F . -2.66 -16.05 -2.63
C52 JSE F . -3.23 -18.38 -1.87
C53 JSE F . -5.00 -17.02 -3.04
C63 JSE F . -3.44 -15.03 -1.90
O64 JSE F . -3.58 -15.11 -0.69
O65 JSE F . -3.82 -13.94 -2.54
O67 JSE F . -1.16 -13.80 -6.68
RU JSC G . 7.02 -17.56 -12.16
C11 JSC G . 6.88 -18.20 -14.26
C12 JSC G . 7.78 -17.16 -14.17
C13 JSC G . 8.85 -17.58 -13.41
C14 JSC G . 8.58 -18.87 -12.99
C15 JSC G . 7.37 -19.26 -13.51
C16 JSC G . 5.87 -18.06 -10.34
C17 JSC G . 7.10 -17.51 -9.97
C18 JSC G . 7.16 -16.20 -10.43
C19 JSC G . 5.96 -15.97 -11.11
C20 JSC G . 5.18 -17.10 -11.08
K K H . 8.58 -3.18 20.15
RU JSD I . 2.01 0.99 18.95
C11 JSD I . -0.14 0.74 19.41
C12 JSD I . 0.60 -0.05 20.27
C13 JSD I . 1.39 0.79 21.05
C14 JSD I . 1.14 2.08 20.65
C15 JSD I . 0.22 2.07 19.63
C16 JSD I . 2.61 0.09 17.02
C17 JSD I . 3.60 -0.15 17.96
C18 JSD I . 4.10 1.06 18.39
C19 JSD I . 3.42 2.07 17.68
C20 JSD I . 2.49 1.47 16.86
C24 JSD I . 5.13 1.24 19.46
C25 JSD I . 5.29 2.62 20.05
C26 JSD I . 6.74 2.85 20.48
C27 JSD I . 6.89 4.25 21.06
O28 JSD I . 5.76 0.28 19.89
O29 JSD I . 5.95 5.02 21.13
N30 JSD I . 8.10 4.58 21.50
C31 JSD I . 8.36 5.89 22.13
N33 JSD I . 10.83 5.72 21.98
C34 JSD I . 9.72 5.96 22.88
S49 JSD I . 9.77 4.73 24.15
C50 JSD I . 11.53 4.50 23.94
C51 JSD I . 11.70 4.63 22.41
C52 JSD I . 11.95 3.09 24.40
C53 JSD I . 12.33 5.54 24.73
C63 JSD I . 13.12 4.89 22.05
O64 JSD I . 13.48 6.01 21.76
O65 JSD I . 13.94 3.88 21.96
RU JSC J . 13.07 19.43 30.66
C11 JSC J . 12.00 17.53 30.55
C12 JSC J . 11.23 18.44 31.27
C13 JSC J . 10.89 19.51 30.44
C14 JSC J . 11.44 19.25 29.20
C15 JSC J . 12.13 18.04 29.26
C16 JSC J . 15.13 19.39 31.49
C17 JSC J . 15.18 19.63 30.12
C18 JSC J . 14.58 20.84 29.87
C19 JSC J . 14.09 21.33 31.07
C20 JSC J . 14.41 20.44 32.08
#